data_1Y67
#
_entry.id   1Y67
#
_cell.length_a   43.801
_cell.length_b   87.922
_cell.length_c   116.198
_cell.angle_alpha   90.000
_cell.angle_beta   91.140
_cell.angle_gamma   90.000
#
_symmetry.space_group_name_H-M   'P 1 21 1'
#
loop_
_entity.id
_entity.type
_entity.pdbx_description
1 polymer 'Manganese Superoxide dismutase'
2 non-polymer 'FE (III) ION'
3 water water
#
_entity_poly.entity_id   1
_entity_poly.type   'polypeptide(L)'
_entity_poly.pdbx_seq_one_letter_code
;MAAYTLPQLPYAYDALEPHIDARTMEIHHTKHHQTYVDNANKALEGTEFADLPVEQLIQQLDRVPADKKGALRNNAGGHA
NHSMFWQIMGQGQGQNGANQPSGELLDAINSAFGSFDAFKQKFEDAAKTRFGSGWAWLVVKDGKLDVVSTANQDNPLMGE
AIAGVSGTPILGVDVWEHAYYLNYQNRRPDYLAAFWNVVNWDEVSKRYAAAKLVPRGSAAALEHHHHHH
;
_entity_poly.pdbx_strand_id   A,B,C,D
#
loop_
_chem_comp.id
_chem_comp.type
_chem_comp.name
_chem_comp.formula
FE non-polymer 'FE (III) ION' 'Fe 3'
#
# COMPACT_ATOMS: atom_id res chain seq x y z
N ALA A 2 3.22 47.84 33.14
CA ALA A 2 3.64 47.06 31.93
C ALA A 2 3.72 47.99 30.74
N ALA A 3 4.51 47.63 29.73
CA ALA A 3 4.70 48.51 28.56
C ALA A 3 3.41 48.75 27.77
N TYR A 4 2.70 47.67 27.48
CA TYR A 4 1.51 47.69 26.65
C TYR A 4 0.30 47.21 27.41
N THR A 5 -0.89 47.69 27.03
CA THR A 5 -2.14 47.16 27.57
C THR A 5 -3.02 46.75 26.39
N LEU A 6 -3.99 45.87 26.64
CA LEU A 6 -4.95 45.46 25.61
C LEU A 6 -5.88 46.64 25.32
N PRO A 7 -5.97 47.08 24.03
CA PRO A 7 -6.83 48.21 23.75
C PRO A 7 -8.30 47.81 23.76
N GLN A 8 -9.17 48.73 24.12
CA GLN A 8 -10.58 48.50 24.00
C GLN A 8 -10.97 48.54 22.52
N LEU A 9 -11.91 47.70 22.11
CA LEU A 9 -12.44 47.76 20.74
C LEU A 9 -13.28 49.02 20.54
N PRO A 10 -13.31 49.54 19.28
CA PRO A 10 -14.20 50.68 18.98
C PRO A 10 -15.70 50.33 18.89
N TYR A 11 -16.08 49.10 19.18
CA TYR A 11 -17.45 48.61 18.99
C TYR A 11 -17.61 47.34 19.85
N ALA A 12 -18.85 46.87 20.03
CA ALA A 12 -19.12 45.67 20.82
C ALA A 12 -18.70 44.41 20.05
N TYR A 13 -18.55 43.29 20.76
CA TYR A 13 -18.08 42.03 20.15
C TYR A 13 -18.99 41.52 19.04
N ASP A 14 -20.29 41.83 19.12
CA ASP A 14 -21.26 41.39 18.13
C ASP A 14 -21.54 42.42 17.03
N ALA A 15 -20.76 43.50 17.01
CA ALA A 15 -21.00 44.63 16.11
C ALA A 15 -20.70 44.33 14.63
N LEU A 16 -19.91 43.28 14.39
CA LEU A 16 -19.50 42.93 13.03
C LEU A 16 -20.26 41.71 12.49
N GLU A 17 -21.27 41.27 13.24
CA GLU A 17 -22.15 40.16 12.83
C GLU A 17 -22.95 40.57 11.60
N PRO A 18 -23.22 39.62 10.67
CA PRO A 18 -22.80 38.21 10.65
C PRO A 18 -21.46 37.96 9.98
N HIS A 19 -20.77 39.02 9.56
CA HIS A 19 -19.51 38.90 8.81
C HIS A 19 -18.38 38.27 9.64
N ILE A 20 -18.24 38.71 10.88
CA ILE A 20 -17.37 38.08 11.85
C ILE A 20 -18.21 37.82 13.10
N ASP A 21 -18.15 36.59 13.61
CA ASP A 21 -18.97 36.19 14.75
C ASP A 21 -18.44 36.77 16.06
N ALA A 22 -19.36 37.12 16.94
CA ALA A 22 -19.06 37.65 18.28
C ALA A 22 -18.09 36.78 19.09
N ARG A 23 -18.24 35.47 19.00
CA ARG A 23 -17.40 34.56 19.80
C ARG A 23 -15.95 34.69 19.34
N THR A 24 -15.76 34.64 18.02
CA THR A 24 -14.45 34.88 17.43
C THR A 24 -13.87 36.22 17.89
N MET A 25 -14.65 37.29 17.80
CA MET A 25 -14.16 38.62 18.19
C MET A 25 -13.66 38.60 19.63
N GLU A 26 -14.45 38.01 20.53
CA GLU A 26 -14.10 37.94 21.95
C GLU A 26 -12.82 37.14 22.19
N ILE A 27 -12.71 35.95 21.59
CA ILE A 27 -11.54 35.10 21.79
C ILE A 27 -10.32 35.72 21.13
N HIS A 28 -10.54 36.23 19.92
CA HIS A 28 -9.47 36.87 19.18
C HIS A 28 -8.85 38.02 19.99
N HIS A 29 -9.73 38.77 20.67
CA HIS A 29 -9.35 39.95 21.46
C HIS A 29 -8.79 39.58 22.84
N THR A 30 -9.54 38.79 23.60
CA THR A 30 -9.22 38.55 25.01
C THR A 30 -8.23 37.41 25.24
N LYS A 31 -8.02 36.58 24.21
CA LYS A 31 -7.11 35.47 24.34
C LYS A 31 -5.88 35.70 23.45
N HIS A 32 -6.09 35.81 22.13
CA HIS A 32 -4.97 35.93 21.19
C HIS A 32 -4.22 37.26 21.33
N HIS A 33 -4.94 38.36 21.20
CA HIS A 33 -4.31 39.68 21.30
C HIS A 33 -3.70 39.85 22.71
N GLN A 34 -4.46 39.50 23.73
CA GLN A 34 -3.98 39.58 25.12
C GLN A 34 -2.65 38.84 25.32
N THR A 35 -2.55 37.66 24.72
CA THR A 35 -1.32 36.87 24.80
C THR A 35 -0.13 37.59 24.16
N TYR A 36 -0.35 38.24 23.02
CA TYR A 36 0.71 39.03 22.37
C TYR A 36 1.15 40.20 23.26
N VAL A 37 0.19 40.88 23.88
CA VAL A 37 0.48 41.95 24.84
C VAL A 37 1.33 41.43 26.01
N ASP A 38 0.87 40.34 26.62
CA ASP A 38 1.55 39.77 27.80
C ASP A 38 2.99 39.38 27.50
N ASN A 39 3.17 38.69 26.37
CA ASN A 39 4.48 38.19 25.97
C ASN A 39 5.43 39.30 25.50
N ALA A 40 4.90 40.31 24.84
CA ALA A 40 5.69 41.49 24.51
C ALA A 40 6.15 42.19 25.80
N ASN A 41 5.24 42.31 26.77
CA ASN A 41 5.57 42.95 28.04
C ASN A 41 6.69 42.21 28.78
N LYS A 42 6.69 40.87 28.68
CA LYS A 42 7.75 40.07 29.29
C LYS A 42 9.11 40.35 28.67
N ALA A 43 9.16 40.40 27.35
CA ALA A 43 10.38 40.64 26.60
C ALA A 43 10.91 42.07 26.76
N LEU A 44 10.02 43.01 27.09
CA LEU A 44 10.40 44.41 27.23
C LEU A 44 10.78 44.81 28.66
N GLU A 45 10.36 44.00 29.63
CA GLU A 45 10.56 44.26 31.05
C GLU A 45 11.98 44.75 31.37
N GLY A 46 12.99 44.04 30.89
CA GLY A 46 14.38 44.40 31.20
C GLY A 46 15.13 45.07 30.05
N THR A 47 14.49 46.05 29.41
CA THR A 47 15.09 46.76 28.27
C THR A 47 14.80 48.26 28.28
N GLU A 48 15.42 48.98 27.34
CA GLU A 48 15.21 50.41 27.16
C GLU A 48 14.22 50.69 26.03
N PHE A 49 13.43 49.66 25.69
CA PHE A 49 12.50 49.73 24.56
C PHE A 49 11.04 49.77 25.02
N ALA A 50 10.84 49.72 26.34
CA ALA A 50 9.52 49.67 26.94
C ALA A 50 8.71 50.96 26.75
N ASP A 51 9.38 52.07 26.47
CA ASP A 51 8.70 53.37 26.32
C ASP A 51 8.33 53.75 24.89
N LEU A 52 8.74 52.94 23.91
CA LEU A 52 8.42 53.23 22.50
C LEU A 52 6.99 52.86 22.16
N PRO A 53 6.31 53.69 21.35
CA PRO A 53 5.06 53.21 20.78
C PRO A 53 5.36 51.92 20.01
N VAL A 54 4.42 50.98 20.01
CA VAL A 54 4.66 49.67 19.40
C VAL A 54 5.04 49.78 17.91
N GLU A 55 4.39 50.71 17.20
CA GLU A 55 4.65 50.87 15.77
C GLU A 55 6.07 51.39 15.48
N GLN A 56 6.69 52.05 16.47
CA GLN A 56 8.08 52.46 16.36
C GLN A 56 9.01 51.32 16.74
N LEU A 57 8.64 50.57 17.78
CA LEU A 57 9.45 49.45 18.25
C LEU A 57 9.68 48.44 17.11
N ILE A 58 8.61 48.08 16.40
CA ILE A 58 8.72 47.08 15.32
C ILE A 58 9.56 47.58 14.15
N GLN A 59 9.79 48.89 14.07
CA GLN A 59 10.68 49.47 13.08
C GLN A 59 12.13 49.49 13.55
N GLN A 60 12.36 49.09 14.80
CA GLN A 60 13.69 49.13 15.41
C GLN A 60 14.21 47.77 15.90
N LEU A 61 13.76 46.69 15.26
CA LEU A 61 14.03 45.33 15.76
C LEU A 61 15.50 44.88 15.70
N ASP A 62 16.32 45.53 14.88
CA ASP A 62 17.76 45.24 14.85
C ASP A 62 18.47 45.80 16.09
N ARG A 63 17.93 46.88 16.63
CA ARG A 63 18.47 47.54 17.82
C ARG A 63 18.36 46.68 19.09
N VAL A 64 17.33 45.83 19.15
CA VAL A 64 17.03 45.06 20.35
C VAL A 64 18.06 43.94 20.57
N PRO A 65 18.26 43.51 21.83
CA PRO A 65 19.17 42.39 22.09
C PRO A 65 18.79 41.17 21.25
N ALA A 66 19.80 40.48 20.70
CA ALA A 66 19.58 39.34 19.79
C ALA A 66 18.68 38.26 20.38
N ASP A 67 18.78 38.08 21.70
CA ASP A 67 17.99 37.07 22.41
C ASP A 67 16.51 37.46 22.57
N LYS A 68 16.20 38.75 22.41
CA LYS A 68 14.82 39.25 22.50
C LYS A 68 14.18 39.48 21.13
N LYS A 69 15.01 39.45 20.08
CA LYS A 69 14.56 39.85 18.74
C LYS A 69 13.36 39.04 18.26
N GLY A 70 13.46 37.71 18.36
CA GLY A 70 12.39 36.82 17.92
C GLY A 70 11.09 37.04 18.67
N ALA A 71 11.21 37.13 20.00
CA ALA A 71 10.06 37.34 20.88
C ALA A 71 9.35 38.67 20.58
N LEU A 72 10.13 39.70 20.29
CA LEU A 72 9.56 41.01 20.01
C LEU A 72 8.99 41.09 18.60
N ARG A 73 9.71 40.55 17.63
CA ARG A 73 9.15 40.36 16.28
C ARG A 73 7.75 39.73 16.31
N ASN A 74 7.63 38.61 17.03
CA ASN A 74 6.36 37.88 17.09
C ASN A 74 5.28 38.56 17.91
N ASN A 75 5.65 39.04 19.09
CA ASN A 75 4.66 39.56 20.05
C ASN A 75 4.39 41.03 19.93
N ALA A 76 5.45 41.83 19.76
CA ALA A 76 5.26 43.24 19.41
C ALA A 76 4.57 43.35 18.05
N GLY A 77 4.98 42.51 17.10
CA GLY A 77 4.32 42.43 15.80
C GLY A 77 2.85 42.07 15.96
N GLY A 78 2.58 41.03 16.76
CA GLY A 78 1.20 40.63 17.09
C GLY A 78 0.35 41.76 17.66
N HIS A 79 0.94 42.51 18.59
CA HIS A 79 0.23 43.64 19.23
C HIS A 79 -0.06 44.77 18.23
N ALA A 80 0.96 45.17 17.46
CA ALA A 80 0.81 46.19 16.40
C ALA A 80 -0.24 45.81 15.37
N ASN A 81 -0.20 44.57 14.90
CA ASN A 81 -1.13 44.07 13.88
C ASN A 81 -2.58 44.08 14.35
N HIS A 82 -2.85 43.53 15.53
CA HIS A 82 -4.22 43.44 16.01
C HIS A 82 -4.76 44.81 16.42
N SER A 83 -3.90 45.64 16.98
CA SER A 83 -4.30 47.00 17.35
C SER A 83 -4.82 47.74 16.12
N MET A 84 -4.12 47.59 15.00
CA MET A 84 -4.56 48.19 13.74
C MET A 84 -5.83 47.54 13.19
N PHE A 85 -5.85 46.20 13.18
CA PHE A 85 -7.01 45.42 12.74
C PHE A 85 -8.33 45.89 13.34
N TRP A 86 -8.38 46.06 14.68
CA TRP A 86 -9.63 46.50 15.29
C TRP A 86 -10.07 47.86 14.77
N GLN A 87 -9.09 48.74 14.52
CA GLN A 87 -9.41 50.12 14.19
C GLN A 87 -9.83 50.31 12.74
N ILE A 88 -9.45 49.36 11.88
CA ILE A 88 -9.81 49.48 10.45
C ILE A 88 -11.09 48.71 10.08
N MET A 89 -11.77 48.15 11.08
CA MET A 89 -13.09 47.58 10.88
C MET A 89 -14.14 48.41 11.61
N GLY A 90 -15.39 48.25 11.22
CA GLY A 90 -16.49 48.98 11.84
C GLY A 90 -17.85 48.40 11.49
N GLN A 91 -18.86 48.81 12.25
CA GLN A 91 -20.23 48.37 12.03
C GLN A 91 -20.98 49.37 11.13
N GLY A 92 -21.90 48.84 10.32
CA GLY A 92 -22.77 49.67 9.49
C GLY A 92 -22.00 50.59 8.57
N GLN A 93 -20.91 50.04 8.01
CA GLN A 93 -19.99 50.78 7.15
C GLN A 93 -20.52 50.89 5.72
N GLY A 94 -20.30 52.05 5.11
CA GLY A 94 -20.69 52.27 3.71
C GLY A 94 -22.19 52.41 3.50
N ALA A 98 -22.88 49.25 -1.48
CA ALA A 98 -21.77 48.43 -0.99
C ALA A 98 -20.68 49.29 -0.37
N ASN A 99 -20.01 48.73 0.61
CA ASN A 99 -18.98 49.42 1.35
C ASN A 99 -17.73 49.59 0.46
N GLN A 100 -17.31 50.84 0.28
CA GLN A 100 -16.10 51.17 -0.51
C GLN A 100 -15.58 52.55 -0.15
N PRO A 101 -14.31 52.83 -0.48
CA PRO A 101 -13.80 54.16 -0.19
C PRO A 101 -14.27 55.17 -1.22
N SER A 102 -14.01 56.45 -0.94
CA SER A 102 -14.28 57.51 -1.90
C SER A 102 -13.13 58.50 -1.84
N GLY A 103 -13.25 59.60 -2.59
CA GLY A 103 -12.28 60.68 -2.53
C GLY A 103 -10.88 60.28 -2.98
N GLU A 104 -9.89 60.83 -2.31
CA GLU A 104 -8.48 60.69 -2.67
C GLU A 104 -8.01 59.24 -2.64
N LEU A 105 -8.49 58.49 -1.65
CA LEU A 105 -8.11 57.08 -1.55
C LEU A 105 -8.63 56.29 -2.74
N LEU A 106 -9.88 56.52 -3.13
CA LEU A 106 -10.43 55.80 -4.25
C LEU A 106 -9.69 56.15 -5.55
N ASP A 107 -9.37 57.44 -5.71
CA ASP A 107 -8.59 57.90 -6.87
C ASP A 107 -7.27 57.13 -6.96
N ALA A 108 -6.61 56.98 -5.81
CA ALA A 108 -5.31 56.29 -5.70
C ALA A 108 -5.45 54.81 -6.04
N ILE A 109 -6.53 54.18 -5.56
CA ILE A 109 -6.84 52.77 -5.88
C ILE A 109 -7.08 52.60 -7.39
N ASN A 110 -7.88 53.49 -7.98
CA ASN A 110 -8.12 53.46 -9.43
C ASN A 110 -6.81 53.57 -10.19
N SER A 111 -5.94 54.46 -9.74
CA SER A 111 -4.64 54.69 -10.35
C SER A 111 -3.74 53.45 -10.24
N ALA A 112 -3.68 52.87 -9.03
CA ALA A 112 -2.74 51.77 -8.76
C ALA A 112 -3.22 50.43 -9.30
N PHE A 113 -4.53 50.19 -9.25
CA PHE A 113 -5.08 48.86 -9.47
C PHE A 113 -6.09 48.77 -10.61
N GLY A 114 -6.55 49.93 -11.09
CA GLY A 114 -7.51 50.00 -12.21
C GLY A 114 -8.91 50.35 -11.75
N SER A 115 -9.29 49.79 -10.60
CA SER A 115 -10.63 49.99 -10.02
C SER A 115 -10.66 49.41 -8.61
N PHE A 116 -11.67 49.79 -7.86
CA PHE A 116 -11.87 49.19 -6.55
C PHE A 116 -12.09 47.68 -6.69
N ASP A 117 -12.88 47.25 -7.67
CA ASP A 117 -13.13 45.81 -7.85
C ASP A 117 -11.85 45.03 -8.17
N ALA A 118 -10.99 45.59 -9.02
CA ALA A 118 -9.69 44.99 -9.32
C ALA A 118 -8.79 44.94 -8.08
N PHE A 119 -8.81 46.00 -7.27
CA PHE A 119 -8.06 46.02 -6.03
C PHE A 119 -8.53 44.89 -5.11
N LYS A 120 -9.84 44.72 -4.99
CA LYS A 120 -10.37 43.71 -4.09
C LYS A 120 -9.86 42.34 -4.54
N GLN A 121 -9.86 42.12 -5.86
CA GLN A 121 -9.38 40.87 -6.43
C GLN A 121 -7.91 40.61 -6.10
N LYS A 122 -7.10 41.65 -6.24
CA LYS A 122 -5.67 41.59 -5.96
C LYS A 122 -5.38 41.35 -4.46
N PHE A 123 -6.16 42.01 -3.61
CA PHE A 123 -6.03 41.88 -2.17
C PHE A 123 -6.48 40.48 -1.72
N GLU A 124 -7.62 40.01 -2.24
CA GLU A 124 -8.08 38.65 -1.95
C GLU A 124 -7.08 37.59 -2.43
N ASP A 125 -6.44 37.82 -3.57
CA ASP A 125 -5.44 36.88 -4.09
C ASP A 125 -4.21 36.80 -3.20
N ALA A 126 -3.73 37.94 -2.72
CA ALA A 126 -2.60 37.97 -1.79
C ALA A 126 -2.94 37.26 -0.48
N ALA A 127 -4.17 37.44 -0.01
CA ALA A 127 -4.60 36.80 1.23
C ALA A 127 -4.79 35.29 1.03
N LYS A 128 -5.24 34.90 -0.16
CA LYS A 128 -5.50 33.47 -0.43
C LYS A 128 -4.20 32.69 -0.60
N THR A 129 -3.18 33.35 -1.13
CA THR A 129 -1.92 32.70 -1.48
C THR A 129 -0.90 32.77 -0.34
N ARG A 130 -1.25 33.46 0.73
CA ARG A 130 -0.45 33.42 1.95
C ARG A 130 -0.61 32.05 2.61
N PHE A 131 0.41 31.21 2.44
CA PHE A 131 0.37 29.84 2.91
C PHE A 131 0.77 29.78 4.38
N GLY A 132 -0.06 29.14 5.19
CA GLY A 132 0.15 29.10 6.65
C GLY A 132 -0.51 30.32 7.28
N SER A 133 0.07 30.80 8.38
CA SER A 133 -0.47 31.95 9.09
C SER A 133 0.13 33.26 8.55
N GLY A 134 -0.65 34.33 8.58
CA GLY A 134 -0.09 35.65 8.22
C GLY A 134 -1.19 36.67 7.98
N TRP A 135 -0.81 37.70 7.22
CA TRP A 135 -1.64 38.89 7.00
C TRP A 135 -1.47 39.33 5.55
N ALA A 136 -2.54 39.88 4.97
CA ALA A 136 -2.42 40.61 3.70
C ALA A 136 -2.61 42.09 3.97
N TRP A 137 -1.90 42.92 3.23
CA TRP A 137 -1.87 44.35 3.52
C TRP A 137 -2.05 45.21 2.28
N LEU A 138 -2.68 46.36 2.47
CA LEU A 138 -2.61 47.46 1.50
C LEU A 138 -1.59 48.44 2.11
N VAL A 139 -0.51 48.69 1.39
CA VAL A 139 0.57 49.57 1.89
C VAL A 139 0.80 50.77 0.98
N VAL A 140 1.29 51.86 1.56
CA VAL A 140 1.82 52.97 0.78
C VAL A 140 3.33 52.86 0.82
N LYS A 141 3.90 52.67 -0.37
CA LYS A 141 5.33 52.47 -0.54
C LYS A 141 5.79 53.50 -1.57
N ASP A 142 6.66 54.41 -1.15
CA ASP A 142 7.13 55.53 -1.99
C ASP A 142 5.98 56.30 -2.63
N GLY A 143 4.96 56.60 -1.83
CA GLY A 143 3.80 57.37 -2.27
C GLY A 143 2.80 56.62 -3.13
N LYS A 144 3.06 55.34 -3.38
CA LYS A 144 2.17 54.54 -4.23
C LYS A 144 1.62 53.32 -3.50
N LEU A 145 0.41 52.91 -3.88
CA LEU A 145 -0.26 51.78 -3.24
C LEU A 145 0.24 50.46 -3.81
N ASP A 146 0.34 49.46 -2.94
CA ASP A 146 0.68 48.10 -3.36
C ASP A 146 0.00 47.11 -2.42
N VAL A 147 -0.17 45.87 -2.88
CA VAL A 147 -0.74 44.83 -2.03
C VAL A 147 0.35 43.77 -1.78
N VAL A 148 0.57 43.45 -0.51
CA VAL A 148 1.64 42.53 -0.12
C VAL A 148 1.11 41.57 0.95
N SER A 149 1.85 40.51 1.24
CA SER A 149 1.50 39.71 2.43
C SER A 149 2.71 39.42 3.30
N THR A 150 2.43 39.07 4.55
CA THR A 150 3.46 38.71 5.51
C THR A 150 3.16 37.39 6.19
N ALA A 151 4.22 36.74 6.67
CA ALA A 151 4.12 35.52 7.47
C ALA A 151 3.89 35.84 8.96
N ASN A 152 3.09 35.01 9.62
CA ASN A 152 2.91 35.02 11.06
C ASN A 152 2.49 36.39 11.59
N GLN A 153 3.28 37.00 12.47
CA GLN A 153 2.94 38.37 12.93
C GLN A 153 3.87 39.44 12.38
N ASP A 154 4.53 39.14 11.27
CA ASP A 154 5.36 40.14 10.61
C ASP A 154 4.48 41.26 10.05
N ASN A 155 5.08 42.43 9.94
CA ASN A 155 4.39 43.64 9.51
C ASN A 155 5.34 44.35 8.54
N PRO A 156 4.80 44.91 7.42
CA PRO A 156 5.66 45.64 6.47
C PRO A 156 6.49 46.77 7.08
N LEU A 157 6.08 47.34 8.20
CA LEU A 157 6.89 48.38 8.89
C LEU A 157 8.23 47.85 9.40
N MET A 158 8.33 46.54 9.60
CA MET A 158 9.57 45.91 10.05
C MET A 158 10.66 46.00 8.99
N GLY A 159 10.27 46.22 7.74
CA GLY A 159 11.25 46.39 6.65
C GLY A 159 11.44 45.11 5.87
N GLU A 160 12.04 45.22 4.71
CA GLU A 160 12.14 44.07 3.81
C GLU A 160 12.95 42.90 4.38
N ALA A 161 14.04 43.20 5.08
CA ALA A 161 14.93 42.15 5.55
C ALA A 161 14.25 41.20 6.55
N ILE A 162 13.39 41.74 7.40
CA ILE A 162 12.67 40.91 8.38
C ILE A 162 11.38 40.33 7.77
N ALA A 163 10.55 41.20 7.21
CA ALA A 163 9.19 40.83 6.80
C ALA A 163 9.07 40.34 5.35
N GLY A 164 10.11 40.59 4.56
CA GLY A 164 10.12 40.18 3.15
C GLY A 164 9.47 41.19 2.23
N VAL A 165 8.79 42.18 2.81
CA VAL A 165 8.13 43.27 2.08
C VAL A 165 8.22 44.57 2.90
N SER A 166 7.81 45.69 2.32
CA SER A 166 7.88 46.98 3.03
C SER A 166 6.77 47.94 2.64
N GLY A 167 6.77 49.11 3.26
CA GLY A 167 5.71 50.10 3.04
C GLY A 167 4.94 50.32 4.32
N THR A 168 4.12 51.37 4.35
CA THR A 168 3.28 51.70 5.51
C THR A 168 1.89 51.10 5.32
N PRO A 169 1.50 50.17 6.21
CA PRO A 169 0.17 49.56 6.03
C PRO A 169 -0.93 50.56 6.37
N ILE A 170 -1.99 50.53 5.58
CA ILE A 170 -3.17 51.36 5.86
C ILE A 170 -4.41 50.47 5.97
N LEU A 171 -4.29 49.22 5.53
CA LEU A 171 -5.34 48.23 5.73
C LEU A 171 -4.68 46.85 5.80
N GLY A 172 -5.20 45.99 6.65
CA GLY A 172 -4.71 44.61 6.75
C GLY A 172 -5.83 43.68 7.16
N VAL A 173 -5.73 42.43 6.71
CA VAL A 173 -6.67 41.40 7.11
C VAL A 173 -5.86 40.24 7.69
N ASP A 174 -6.31 39.77 8.85
CA ASP A 174 -5.75 38.63 9.55
C ASP A 174 -6.19 37.35 8.84
N VAL A 175 -5.24 36.56 8.35
CA VAL A 175 -5.60 35.23 7.78
C VAL A 175 -5.01 34.06 8.58
N TRP A 176 -4.65 34.30 9.83
CA TRP A 176 -4.46 33.17 10.75
C TRP A 176 -5.81 32.48 10.80
N GLU A 177 -5.80 31.15 10.88
CA GLU A 177 -7.07 30.41 10.96
C GLU A 177 -7.94 30.80 12.16
N HIS A 178 -7.33 31.18 13.29
CA HIS A 178 -8.13 31.66 14.43
C HIS A 178 -9.06 32.85 14.09
N ALA A 179 -8.66 33.63 13.08
CA ALA A 179 -9.49 34.80 12.67
C ALA A 179 -10.80 34.43 11.97
N TYR A 180 -10.89 33.20 11.44
CA TYR A 180 -12.06 32.81 10.63
C TYR A 180 -12.59 31.39 10.81
N TYR A 181 -11.85 30.54 11.53
CA TYR A 181 -12.21 29.10 11.57
C TYR A 181 -13.57 28.76 12.23
N LEU A 182 -13.96 29.49 13.27
CA LEU A 182 -15.22 29.16 13.95
C LEU A 182 -16.42 29.37 13.03
N ASN A 183 -16.38 30.44 12.23
CA ASN A 183 -17.50 30.87 11.37
C ASN A 183 -17.39 30.30 9.96
N TYR A 184 -16.17 30.12 9.45
CA TYR A 184 -15.96 29.77 8.03
C TYR A 184 -15.19 28.47 7.80
N GLN A 185 -14.61 27.93 8.87
CA GLN A 185 -13.76 26.74 8.79
C GLN A 185 -12.71 26.91 7.67
N ASN A 186 -12.62 25.96 6.75
CA ASN A 186 -11.63 26.01 5.67
C ASN A 186 -11.88 27.11 4.63
N ARG A 187 -13.05 27.72 4.68
CA ARG A 187 -13.49 28.63 3.60
C ARG A 187 -12.90 30.04 3.71
N ARG A 188 -11.58 30.15 3.66
CA ARG A 188 -10.94 31.45 3.76
C ARG A 188 -11.47 32.47 2.72
N PRO A 189 -11.69 32.03 1.47
CA PRO A 189 -12.30 32.95 0.49
C PRO A 189 -13.65 33.56 0.92
N ASP A 190 -14.49 32.79 1.60
CA ASP A 190 -15.79 33.30 2.10
C ASP A 190 -15.59 34.35 3.19
N TYR A 191 -14.60 34.12 4.05
CA TYR A 191 -14.18 35.09 5.05
C TYR A 191 -13.71 36.38 4.38
N LEU A 192 -12.87 36.26 3.36
CA LEU A 192 -12.31 37.42 2.67
C LEU A 192 -13.40 38.26 2.01
N ALA A 193 -14.36 37.59 1.38
CA ALA A 193 -15.52 38.26 0.78
C ALA A 193 -16.38 39.00 1.82
N ALA A 194 -16.62 38.37 2.98
CA ALA A 194 -17.34 39.02 4.08
C ALA A 194 -16.58 40.22 4.66
N PHE A 195 -15.25 40.13 4.70
CA PHE A 195 -14.42 41.19 5.27
C PHE A 195 -14.68 42.57 4.65
N TRP A 196 -14.95 42.61 3.35
CA TRP A 196 -15.24 43.89 2.69
C TRP A 196 -16.41 44.66 3.32
N ASN A 197 -17.36 43.94 3.91
CA ASN A 197 -18.53 44.55 4.56
C ASN A 197 -18.24 45.28 5.85
N VAL A 198 -17.09 45.00 6.46
CA VAL A 198 -16.75 45.62 7.75
C VAL A 198 -15.56 46.57 7.71
N VAL A 199 -14.94 46.78 6.56
CA VAL A 199 -13.82 47.71 6.49
C VAL A 199 -14.29 49.14 6.79
N ASN A 200 -13.58 49.82 7.68
CA ASN A 200 -13.85 51.23 7.94
C ASN A 200 -13.00 52.10 7.01
N TRP A 201 -13.55 52.46 5.86
CA TRP A 201 -12.78 53.19 4.85
C TRP A 201 -12.44 54.62 5.27
N ASP A 202 -13.22 55.19 6.18
CA ASP A 202 -12.89 56.52 6.74
C ASP A 202 -11.55 56.45 7.48
N GLU A 203 -11.37 55.40 8.28
CA GLU A 203 -10.10 55.18 8.98
C GLU A 203 -8.97 54.87 8.01
N VAL A 204 -9.23 54.02 7.02
CA VAL A 204 -8.20 53.72 6.01
C VAL A 204 -7.79 55.01 5.27
N SER A 205 -8.77 55.83 4.91
CA SER A 205 -8.51 57.11 4.23
C SER A 205 -7.68 58.06 5.11
N LYS A 206 -7.96 58.07 6.42
CA LYS A 206 -7.16 58.88 7.37
C LYS A 206 -5.70 58.42 7.33
N ARG A 207 -5.48 57.10 7.35
CA ARG A 207 -4.12 56.53 7.32
C ARG A 207 -3.43 56.78 5.99
N TYR A 208 -4.18 56.69 4.90
CA TYR A 208 -3.65 57.04 3.58
C TYR A 208 -3.15 58.49 3.50
N ALA A 209 -4.00 59.42 3.93
CA ALA A 209 -3.68 60.85 3.86
C ALA A 209 -2.39 61.12 4.63
N ALA A 210 -2.26 60.52 5.81
CA ALA A 210 -1.06 60.68 6.65
C ALA A 210 0.18 60.09 5.98
N ALA A 211 0.06 58.86 5.47
CA ALA A 211 1.18 58.18 4.80
C ALA A 211 1.70 58.95 3.57
N LYS A 212 0.80 59.64 2.88
CA LYS A 212 1.19 60.42 1.70
C LYS A 212 1.82 61.77 2.03
N LEU A 213 1.73 62.18 3.29
CA LEU A 213 2.37 63.43 3.74
C LEU A 213 3.88 63.29 3.95
N VAL A 214 4.43 62.17 3.49
CA VAL A 214 5.87 61.88 3.52
C VAL A 214 6.31 61.45 4.90
N ALA B 2 -3.25 13.30 -11.22
CA ALA B 2 -3.49 11.84 -11.14
C ALA B 2 -2.45 11.14 -10.28
N ALA B 3 -1.38 11.84 -9.91
CA ALA B 3 -0.27 11.26 -9.17
C ALA B 3 -0.67 10.68 -7.82
N TYR B 4 -1.38 11.48 -7.02
CA TYR B 4 -1.80 11.11 -5.69
C TYR B 4 -3.31 11.11 -5.55
N THR B 5 -3.82 10.30 -4.63
CA THR B 5 -5.24 10.28 -4.24
C THR B 5 -5.35 10.48 -2.74
N LEU B 6 -6.51 10.92 -2.27
CA LEU B 6 -6.76 11.05 -0.84
C LEU B 6 -6.88 9.65 -0.20
N PRO B 7 -6.07 9.37 0.84
CA PRO B 7 -6.16 8.06 1.45
C PRO B 7 -7.39 7.95 2.34
N GLN B 8 -7.94 6.75 2.43
CA GLN B 8 -8.99 6.47 3.38
C GLN B 8 -8.41 6.51 4.78
N LEU B 9 -9.19 6.97 5.74
CA LEU B 9 -8.81 6.90 7.16
C LEU B 9 -8.90 5.46 7.68
N PRO B 10 -8.08 5.12 8.71
CA PRO B 10 -8.14 3.79 9.33
C PRO B 10 -9.31 3.60 10.32
N TYR B 11 -10.16 4.61 10.45
CA TYR B 11 -11.25 4.61 11.44
C TYR B 11 -12.30 5.62 10.99
N ALA B 12 -13.47 5.59 11.62
CA ALA B 12 -14.56 6.53 11.33
C ALA B 12 -14.20 7.94 11.82
N TYR B 13 -14.88 8.95 11.28
CA TYR B 13 -14.60 10.35 11.62
C TYR B 13 -14.77 10.65 13.12
N ASP B 14 -15.62 9.88 13.78
CA ASP B 14 -15.93 10.08 15.20
C ASP B 14 -15.16 9.17 16.16
N ALA B 15 -14.17 8.45 15.63
CA ALA B 15 -13.46 7.41 16.41
C ALA B 15 -12.52 7.97 17.47
N LEU B 16 -12.10 9.22 17.28
CA LEU B 16 -11.13 9.86 18.18
C LEU B 16 -11.76 10.82 19.17
N GLU B 17 -13.10 10.79 19.27
CA GLU B 17 -13.88 11.59 20.23
C GLU B 17 -13.68 11.06 21.66
N PRO B 18 -13.66 11.96 22.66
CA PRO B 18 -13.82 13.42 22.59
C PRO B 18 -12.51 14.18 22.33
N HIS B 19 -11.43 13.45 22.06
CA HIS B 19 -10.11 14.07 21.94
C HIS B 19 -10.03 14.95 20.69
N ILE B 20 -10.46 14.42 19.55
CA ILE B 20 -10.62 15.21 18.33
C ILE B 20 -12.07 15.07 17.87
N ASP B 21 -12.76 16.19 17.68
CA ASP B 21 -14.16 16.15 17.25
C ASP B 21 -14.30 15.62 15.82
N ALA B 22 -15.45 14.98 15.56
CA ALA B 22 -15.75 14.39 14.26
C ALA B 22 -15.84 15.43 13.14
N ARG B 23 -16.38 16.61 13.44
CA ARG B 23 -16.49 17.64 12.41
C ARG B 23 -15.11 18.04 11.92
N THR B 24 -14.20 18.25 12.86
CA THR B 24 -12.82 18.58 12.55
C THR B 24 -12.16 17.47 11.70
N MET B 25 -12.33 16.22 12.11
CA MET B 25 -11.77 15.10 11.35
C MET B 25 -12.22 15.10 9.89
N GLU B 26 -13.52 15.30 9.66
CA GLU B 26 -14.09 15.30 8.31
C GLU B 26 -13.56 16.46 7.47
N ILE B 27 -13.65 17.68 8.01
CA ILE B 27 -13.08 18.83 7.31
C ILE B 27 -11.57 18.68 7.07
N HIS B 28 -10.84 18.31 8.11
CA HIS B 28 -9.38 18.17 8.02
C HIS B 28 -9.03 17.21 6.90
N HIS B 29 -9.80 16.13 6.80
CA HIS B 29 -9.56 15.11 5.80
C HIS B 29 -10.08 15.48 4.40
N THR B 30 -11.37 15.79 4.29
CA THR B 30 -12.04 15.97 3.00
C THR B 30 -11.79 17.32 2.35
N LYS B 31 -11.33 18.30 3.14
CA LYS B 31 -11.12 19.65 2.62
C LYS B 31 -9.64 20.00 2.60
N HIS B 32 -9.02 20.06 3.78
CA HIS B 32 -7.61 20.44 3.89
C HIS B 32 -6.68 19.44 3.18
N HIS B 33 -6.76 18.17 3.58
CA HIS B 33 -5.89 17.16 2.97
C HIS B 33 -6.18 17.01 1.47
N GLN B 34 -7.47 16.99 1.11
CA GLN B 34 -7.86 16.93 -0.30
C GLN B 34 -7.22 18.06 -1.12
N THR B 35 -7.21 19.27 -0.57
CA THR B 35 -6.61 20.41 -1.25
C THR B 35 -5.11 20.22 -1.54
N TYR B 36 -4.35 19.71 -0.56
CA TYR B 36 -2.93 19.42 -0.78
C TYR B 36 -2.72 18.38 -1.88
N VAL B 37 -3.56 17.35 -1.91
CA VAL B 37 -3.50 16.33 -2.95
C VAL B 37 -3.74 16.98 -4.32
N ASP B 38 -4.79 17.81 -4.41
CA ASP B 38 -5.18 18.42 -5.68
C ASP B 38 -4.08 19.34 -6.21
N ASN B 39 -3.50 20.12 -5.30
CA ASN B 39 -2.49 21.10 -5.70
C ASN B 39 -1.12 20.47 -6.02
N ALA B 40 -0.78 19.41 -5.30
CA ALA B 40 0.42 18.64 -5.61
C ALA B 40 0.29 17.98 -6.99
N ASN B 41 -0.87 17.40 -7.25
CA ASN B 41 -1.15 16.80 -8.56
C ASN B 41 -0.98 17.79 -9.71
N LYS B 42 -1.56 18.97 -9.55
CA LYS B 42 -1.44 20.04 -10.55
C LYS B 42 0.02 20.40 -10.79
N ALA B 43 0.78 20.52 -9.70
CA ALA B 43 2.21 20.85 -9.74
C ALA B 43 3.06 19.76 -10.40
N LEU B 44 2.63 18.51 -10.27
CA LEU B 44 3.37 17.38 -10.80
C LEU B 44 3.15 17.07 -12.28
N GLU B 45 2.04 17.58 -12.83
CA GLU B 45 1.74 17.38 -14.25
C GLU B 45 2.87 17.99 -15.09
N GLY B 46 3.37 17.20 -16.03
CA GLY B 46 4.44 17.67 -16.94
C GLY B 46 5.85 17.44 -16.44
N THR B 47 6.00 16.91 -15.23
CA THR B 47 7.31 16.64 -14.64
C THR B 47 7.66 15.16 -14.72
N GLU B 48 8.90 14.83 -14.39
CA GLU B 48 9.36 13.44 -14.33
C GLU B 48 9.21 12.85 -12.91
N PHE B 49 8.44 13.52 -12.07
CA PHE B 49 8.36 13.19 -10.64
C PHE B 49 7.00 12.65 -10.17
N ALA B 50 6.06 12.51 -11.10
CA ALA B 50 4.69 12.07 -10.77
C ALA B 50 4.58 10.62 -10.30
N ASP B 51 5.60 9.81 -10.60
CA ASP B 51 5.60 8.39 -10.24
C ASP B 51 6.29 8.03 -8.92
N LEU B 52 6.84 9.03 -8.23
CA LEU B 52 7.49 8.76 -6.95
C LEU B 52 6.47 8.74 -5.82
N PRO B 53 6.59 7.80 -4.87
CA PRO B 53 5.89 7.92 -3.60
C PRO B 53 6.13 9.31 -3.01
N VAL B 54 5.12 9.88 -2.36
CA VAL B 54 5.21 11.25 -1.85
C VAL B 54 6.39 11.43 -0.90
N GLU B 55 6.65 10.44 -0.05
CA GLU B 55 7.73 10.54 0.94
C GLU B 55 9.12 10.56 0.30
N GLN B 56 9.22 10.05 -0.93
CA GLN B 56 10.45 10.15 -1.70
C GLN B 56 10.55 11.47 -2.46
N LEU B 57 9.42 11.93 -3.03
CA LEU B 57 9.37 13.23 -3.69
C LEU B 57 9.86 14.36 -2.78
N ILE B 58 9.39 14.39 -1.54
CA ILE B 58 9.70 15.49 -0.63
C ILE B 58 11.17 15.52 -0.23
N GLN B 59 11.86 14.40 -0.47
CA GLN B 59 13.29 14.31 -0.23
C GLN B 59 14.09 14.76 -1.46
N GLN B 60 13.40 15.07 -2.55
CA GLN B 60 14.04 15.45 -3.80
C GLN B 60 13.61 16.83 -4.29
N LEU B 61 13.22 17.70 -3.36
CA LEU B 61 12.72 19.03 -3.71
C LEU B 61 13.74 19.92 -4.44
N ASP B 62 15.03 19.65 -4.22
CA ASP B 62 16.10 20.40 -4.90
C ASP B 62 16.34 19.94 -6.34
N ARG B 63 15.66 18.88 -6.76
CA ARG B 63 15.80 18.32 -8.11
C ARG B 63 14.63 18.69 -9.02
N VAL B 64 13.50 19.09 -8.44
CA VAL B 64 12.33 19.47 -9.23
C VAL B 64 12.55 20.82 -9.92
N PRO B 65 11.75 21.14 -10.97
CA PRO B 65 11.89 22.45 -11.60
C PRO B 65 11.73 23.59 -10.60
N ALA B 66 12.61 24.60 -10.71
CA ALA B 66 12.66 25.72 -9.77
C ALA B 66 11.29 26.37 -9.52
N ASP B 67 10.49 26.47 -10.57
CA ASP B 67 9.17 27.11 -10.49
C ASP B 67 8.12 26.21 -9.83
N LYS B 68 8.42 24.93 -9.66
CA LYS B 68 7.49 23.99 -9.02
C LYS B 68 7.86 23.72 -7.55
N LYS B 69 9.07 24.12 -7.15
CA LYS B 69 9.60 23.81 -5.83
C LYS B 69 8.68 24.24 -4.68
N GLY B 70 8.27 25.52 -4.72
CA GLY B 70 7.37 26.08 -3.71
C GLY B 70 6.06 25.32 -3.60
N ALA B 71 5.41 25.08 -4.73
CA ALA B 71 4.11 24.41 -4.74
C ALA B 71 4.22 22.98 -4.21
N LEU B 72 5.30 22.28 -4.60
CA LEU B 72 5.52 20.90 -4.18
C LEU B 72 5.91 20.78 -2.71
N ARG B 73 6.77 21.69 -2.26
CA ARG B 73 7.10 21.77 -0.84
C ARG B 73 5.84 21.92 0.03
N ASN B 74 4.97 22.87 -0.32
CA ASN B 74 3.75 23.10 0.45
C ASN B 74 2.74 21.96 0.34
N ASN B 75 2.50 21.49 -0.88
CA ASN B 75 1.43 20.56 -1.14
C ASN B 75 1.80 19.09 -1.06
N ALA B 76 2.97 18.73 -1.60
CA ALA B 76 3.46 17.37 -1.39
C ALA B 76 3.81 17.20 0.09
N GLY B 77 4.31 18.26 0.71
CA GLY B 77 4.54 18.26 2.16
C GLY B 77 3.24 18.03 2.91
N GLY B 78 2.21 18.81 2.57
CA GLY B 78 0.86 18.65 3.14
C GLY B 78 0.35 17.23 3.01
N HIS B 79 0.53 16.64 1.83
CA HIS B 79 0.05 15.29 1.57
C HIS B 79 0.83 14.26 2.39
N ALA B 80 2.15 14.35 2.38
CA ALA B 80 2.98 13.46 3.19
C ALA B 80 2.64 13.57 4.68
N ASN B 81 2.54 14.80 5.17
CA ASN B 81 2.31 15.03 6.60
C ASN B 81 0.98 14.45 7.06
N HIS B 82 -0.09 14.76 6.34
CA HIS B 82 -1.40 14.28 6.71
C HIS B 82 -1.55 12.78 6.54
N SER B 83 -0.99 12.24 5.48
CA SER B 83 -1.00 10.78 5.28
C SER B 83 -0.43 10.03 6.49
N MET B 84 0.71 10.51 7.01
CA MET B 84 1.30 9.94 8.21
C MET B 84 0.43 10.17 9.44
N PHE B 85 -0.07 11.39 9.58
CA PHE B 85 -0.88 11.82 10.72
C PHE B 85 -2.05 10.87 11.00
N TRP B 86 -2.83 10.53 9.96
CA TRP B 86 -3.99 9.66 10.15
C TRP B 86 -3.58 8.28 10.67
N GLN B 87 -2.43 7.81 10.17
CA GLN B 87 -1.94 6.48 10.47
C GLN B 87 -1.30 6.35 11.85
N ILE B 88 -0.77 7.45 12.39
CA ILE B 88 -0.18 7.40 13.73
C ILE B 88 -1.19 7.69 14.86
N MET B 89 -2.45 7.90 14.48
CA MET B 89 -3.55 7.91 15.45
C MET B 89 -4.43 6.68 15.30
N GLY B 90 -5.18 6.37 16.37
CA GLY B 90 -6.14 5.27 16.37
C GLY B 90 -7.12 5.43 17.52
N GLN B 91 -8.16 4.62 17.53
CA GLN B 91 -9.19 4.69 18.58
C GLN B 91 -8.95 3.72 19.72
N ASN B 99 -2.13 4.56 27.56
CA ASN B 99 -1.62 4.52 26.20
C ASN B 99 -0.15 4.89 26.11
N GLN B 100 0.71 3.88 25.98
CA GLN B 100 2.16 4.06 26.01
C GLN B 100 2.87 3.15 25.02
N PRO B 101 4.11 3.51 24.63
CA PRO B 101 4.91 2.60 23.82
C PRO B 101 5.57 1.51 24.67
N SER B 102 6.00 0.43 24.02
CA SER B 102 6.72 -0.65 24.69
C SER B 102 7.82 -1.19 23.77
N GLY B 103 8.56 -2.18 24.25
CA GLY B 103 9.59 -2.83 23.45
C GLY B 103 10.80 -1.95 23.16
N GLU B 104 11.29 -2.04 21.90
CA GLU B 104 12.49 -1.31 21.46
C GLU B 104 12.29 0.20 21.45
N LEU B 105 11.10 0.65 21.08
CA LEU B 105 10.81 2.09 21.00
C LEU B 105 10.86 2.75 22.38
N LEU B 106 10.21 2.13 23.36
CA LEU B 106 10.22 2.64 24.73
C LEU B 106 11.65 2.74 25.25
N ASP B 107 12.47 1.73 24.94
CA ASP B 107 13.89 1.71 25.30
C ASP B 107 14.65 2.90 24.70
N ALA B 108 14.39 3.17 23.42
CA ALA B 108 14.98 4.30 22.72
C ALA B 108 14.54 5.62 23.34
N ILE B 109 13.24 5.71 23.65
CA ILE B 109 12.67 6.90 24.30
C ILE B 109 13.30 7.13 25.67
N ASN B 110 13.46 6.06 26.44
CA ASN B 110 14.10 6.16 27.74
C ASN B 110 15.55 6.65 27.64
N SER B 111 16.30 6.09 26.70
CA SER B 111 17.70 6.47 26.50
C SER B 111 17.86 7.92 26.05
N ALA B 112 17.09 8.33 25.05
CA ALA B 112 17.22 9.66 24.49
C ALA B 112 16.66 10.75 25.41
N PHE B 113 15.59 10.43 26.14
CA PHE B 113 14.83 11.44 26.87
C PHE B 113 14.73 11.22 28.37
N GLY B 114 15.22 10.08 28.85
CA GLY B 114 15.18 9.76 30.27
C GLY B 114 14.00 8.88 30.60
N SER B 115 12.80 9.33 30.21
CA SER B 115 11.56 8.60 30.45
C SER B 115 10.52 9.00 29.40
N PHE B 116 9.44 8.23 29.31
CA PHE B 116 8.33 8.56 28.42
C PHE B 116 7.66 9.88 28.82
N ASP B 117 7.49 10.09 30.13
CA ASP B 117 6.94 11.35 30.64
C ASP B 117 7.78 12.57 30.25
N ALA B 118 9.10 12.42 30.28
CA ALA B 118 10.00 13.51 29.90
C ALA B 118 9.95 13.74 28.40
N PHE B 119 9.86 12.66 27.62
CA PHE B 119 9.68 12.79 26.18
C PHE B 119 8.42 13.61 25.86
N LYS B 120 7.31 13.27 26.51
CA LYS B 120 6.03 13.96 26.32
C LYS B 120 6.16 15.45 26.53
N GLN B 121 6.82 15.84 27.62
CA GLN B 121 7.04 17.24 27.95
C GLN B 121 7.87 17.95 26.87
N LYS B 122 8.91 17.28 26.38
CA LYS B 122 9.76 17.83 25.32
C LYS B 122 8.99 17.99 24.00
N PHE B 123 8.21 16.96 23.66
CA PHE B 123 7.35 16.97 22.46
C PHE B 123 6.30 18.08 22.56
N GLU B 124 5.64 18.17 23.71
CA GLU B 124 4.66 19.23 23.94
C GLU B 124 5.27 20.62 23.86
N ASP B 125 6.48 20.78 24.41
CA ASP B 125 7.19 22.06 24.37
C ASP B 125 7.49 22.50 22.94
N ALA B 126 7.94 21.54 22.13
CA ALA B 126 8.24 21.83 20.73
C ALA B 126 6.97 22.22 19.99
N ALA B 127 5.86 21.53 20.27
CA ALA B 127 4.58 21.90 19.66
C ALA B 127 4.06 23.26 20.12
N LYS B 128 4.19 23.54 21.42
CA LYS B 128 3.69 24.79 21.99
C LYS B 128 4.43 26.02 21.48
N THR B 129 5.75 25.89 21.34
CA THR B 129 6.60 27.02 20.95
C THR B 129 6.70 27.23 19.43
N ARG B 130 6.04 26.36 18.65
CA ARG B 130 6.00 26.52 17.21
C ARG B 130 5.04 27.68 16.90
N PHE B 131 5.60 28.81 16.51
CA PHE B 131 4.80 30.03 16.33
C PHE B 131 4.20 30.06 14.93
N GLY B 132 2.89 30.24 14.84
CA GLY B 132 2.22 30.18 13.54
C GLY B 132 1.83 28.74 13.26
N SER B 133 1.77 28.38 11.98
CA SER B 133 1.35 27.05 11.56
C SER B 133 2.55 26.10 11.46
N GLY B 134 2.32 24.82 11.73
CA GLY B 134 3.38 23.83 11.57
C GLY B 134 3.11 22.53 12.28
N TRP B 135 4.19 21.80 12.56
CA TRP B 135 4.12 20.44 13.06
C TRP B 135 5.24 20.24 14.08
N ALA B 136 5.00 19.39 15.07
CA ALA B 136 6.08 18.90 15.94
C ALA B 136 6.30 17.43 15.64
N TRP B 137 7.56 17.00 15.68
CA TRP B 137 7.96 15.67 15.25
C TRP B 137 8.85 14.95 16.25
N LEU B 138 8.65 13.64 16.38
CA LEU B 138 9.67 12.74 16.92
C LEU B 138 10.37 12.13 15.72
N VAL B 139 11.67 12.37 15.60
CA VAL B 139 12.46 11.86 14.49
C VAL B 139 13.55 10.88 14.91
N VAL B 140 13.97 10.03 13.98
CA VAL B 140 15.19 9.26 14.12
C VAL B 140 16.25 9.98 13.26
N LYS B 141 17.33 10.38 13.92
CA LYS B 141 18.42 11.13 13.30
C LYS B 141 19.72 10.45 13.71
N ASP B 142 20.42 9.87 12.73
CA ASP B 142 21.63 9.08 12.97
C ASP B 142 21.41 7.97 14.01
N GLY B 143 20.25 7.31 13.94
CA GLY B 143 19.92 6.19 14.83
C GLY B 143 19.41 6.58 16.20
N LYS B 144 19.38 7.89 16.47
CA LYS B 144 18.96 8.40 17.78
C LYS B 144 17.69 9.25 17.65
N LEU B 145 16.86 9.22 18.70
CA LEU B 145 15.62 10.00 18.74
C LEU B 145 15.85 11.47 19.11
N ASP B 146 15.06 12.34 18.48
CA ASP B 146 15.06 13.77 18.80
C ASP B 146 13.69 14.37 18.54
N VAL B 147 13.39 15.48 19.21
CA VAL B 147 12.15 16.20 19.03
C VAL B 147 12.46 17.50 18.29
N VAL B 148 11.74 17.74 17.19
CA VAL B 148 11.91 18.94 16.39
C VAL B 148 10.53 19.49 15.98
N SER B 149 10.50 20.75 15.52
CA SER B 149 9.31 21.27 14.87
C SER B 149 9.63 21.87 13.50
N THR B 150 8.61 21.97 12.65
CA THR B 150 8.76 22.57 11.32
C THR B 150 7.64 23.58 11.10
N ALA B 151 7.87 24.51 10.18
CA ALA B 151 6.85 25.50 9.78
C ALA B 151 5.94 24.96 8.69
N ASN B 152 4.68 25.41 8.72
CA ASN B 152 3.71 25.14 7.66
C ASN B 152 3.62 23.67 7.31
N GLN B 153 3.87 23.28 6.06
CA GLN B 153 3.82 21.84 5.71
C GLN B 153 5.19 21.23 5.47
N ASP B 154 6.24 21.88 5.97
CA ASP B 154 7.59 21.32 5.89
C ASP B 154 7.67 20.03 6.73
N ASN B 155 8.56 19.13 6.31
CA ASN B 155 8.74 17.82 6.93
C ASN B 155 10.25 17.63 7.06
N PRO B 156 10.75 17.09 8.20
CA PRO B 156 12.21 16.86 8.37
C PRO B 156 12.88 16.03 7.25
N LEU B 157 12.11 15.19 6.57
CA LEU B 157 12.60 14.44 5.39
C LEU B 157 13.05 15.37 4.25
N MET B 158 12.59 16.62 4.29
CA MET B 158 12.97 17.61 3.28
C MET B 158 14.40 18.07 3.48
N GLY B 159 14.95 17.84 4.66
CA GLY B 159 16.35 18.15 4.95
C GLY B 159 16.55 19.51 5.57
N GLU B 160 17.76 19.74 6.04
CA GLU B 160 18.15 20.94 6.78
C GLU B 160 17.84 22.23 6.02
N ALA B 161 18.29 22.31 4.77
CA ALA B 161 18.20 23.56 4.01
C ALA B 161 16.76 24.05 3.87
N ILE B 162 15.84 23.13 3.58
CA ILE B 162 14.43 23.51 3.38
C ILE B 162 13.65 23.58 4.69
N ALA B 163 13.72 22.53 5.50
CA ALA B 163 12.87 22.40 6.68
C ALA B 163 13.43 23.00 7.96
N GLY B 164 14.74 23.24 7.99
CA GLY B 164 15.39 23.83 9.17
C GLY B 164 15.91 22.77 10.14
N VAL B 165 15.45 21.53 9.94
CA VAL B 165 15.80 20.37 10.77
C VAL B 165 15.79 19.16 9.83
N SER B 166 16.31 18.02 10.31
CA SER B 166 16.30 16.79 9.52
C SER B 166 16.04 15.54 10.35
N GLY B 167 16.04 14.38 9.70
CA GLY B 167 15.74 13.11 10.35
C GLY B 167 14.46 12.50 9.81
N THR B 168 14.22 11.25 10.15
CA THR B 168 13.04 10.51 9.68
C THR B 168 11.93 10.56 10.72
N PRO B 169 10.79 11.22 10.40
CA PRO B 169 9.73 11.29 11.42
C PRO B 169 9.05 9.95 11.64
N ILE B 170 8.76 9.62 12.90
CA ILE B 170 8.02 8.40 13.23
C ILE B 170 6.71 8.74 13.95
N LEU B 171 6.63 9.99 14.42
CA LEU B 171 5.43 10.55 15.01
C LEU B 171 5.40 12.05 14.74
N GLY B 172 4.21 12.58 14.48
CA GLY B 172 4.03 14.03 14.33
C GLY B 172 2.66 14.46 14.78
N VAL B 173 2.56 15.71 15.24
CA VAL B 173 1.26 16.29 15.57
C VAL B 173 1.08 17.60 14.78
N ASP B 174 -0.11 17.78 14.24
CA ASP B 174 -0.47 18.95 13.48
C ASP B 174 -0.85 20.05 14.48
N VAL B 175 -0.13 21.17 14.45
CA VAL B 175 -0.51 22.35 15.27
C VAL B 175 -0.94 23.56 14.42
N TRP B 176 -1.36 23.30 13.17
CA TRP B 176 -2.13 24.32 12.47
C TRP B 176 -3.42 24.49 13.27
N GLU B 177 -3.92 25.73 13.34
CA GLU B 177 -5.16 25.99 14.08
C GLU B 177 -6.34 25.17 13.60
N HIS B 178 -6.38 24.84 12.30
CA HIS B 178 -7.44 23.98 11.78
C HIS B 178 -7.54 22.63 12.48
N ALA B 179 -6.44 22.16 13.04
CA ALA B 179 -6.40 20.84 13.67
C ALA B 179 -7.13 20.81 15.02
N TYR B 180 -7.32 21.98 15.63
CA TYR B 180 -7.80 22.06 17.02
C TYR B 180 -8.77 23.18 17.33
N TYR B 181 -9.00 24.10 16.39
CA TYR B 181 -9.75 25.31 16.75
C TYR B 181 -11.22 25.06 17.10
N LEU B 182 -11.86 24.15 16.37
CA LEU B 182 -13.28 23.89 16.60
C LEU B 182 -13.59 23.38 18.02
N ASN B 183 -12.70 22.55 18.56
CA ASN B 183 -12.88 21.93 19.87
C ASN B 183 -12.18 22.66 21.02
N TYR B 184 -11.03 23.27 20.71
CA TYR B 184 -10.15 23.84 21.73
C TYR B 184 -9.93 25.34 21.60
N GLN B 185 -10.34 25.90 20.48
CA GLN B 185 -10.07 27.31 20.19
C GLN B 185 -8.59 27.63 20.46
N ASN B 186 -8.30 28.65 21.27
CA ASN B 186 -6.91 29.05 21.56
C ASN B 186 -6.09 28.06 22.38
N ARG B 187 -6.76 27.05 22.95
CA ARG B 187 -6.13 26.18 23.95
C ARG B 187 -5.33 25.03 23.33
N ARG B 188 -4.27 25.39 22.60
CA ARG B 188 -3.40 24.41 21.97
C ARG B 188 -2.83 23.40 22.99
N PRO B 189 -2.39 23.88 24.18
CA PRO B 189 -1.90 22.91 25.18
C PRO B 189 -2.91 21.82 25.60
N ASP B 190 -4.20 22.15 25.62
CA ASP B 190 -5.24 21.16 25.93
C ASP B 190 -5.41 20.13 24.81
N TYR B 191 -5.33 20.61 23.57
CA TYR B 191 -5.30 19.74 22.40
C TYR B 191 -4.11 18.78 22.48
N LEU B 192 -2.94 19.32 22.84
CA LEU B 192 -1.72 18.53 22.86
C LEU B 192 -1.72 17.47 23.97
N ALA B 193 -2.32 17.81 25.11
CA ALA B 193 -2.46 16.84 26.19
C ALA B 193 -3.39 15.71 25.77
N ALA B 194 -4.46 16.06 25.05
CA ALA B 194 -5.47 15.08 24.65
C ALA B 194 -5.00 14.16 23.52
N PHE B 195 -4.05 14.66 22.73
CA PHE B 195 -3.43 13.92 21.63
C PHE B 195 -2.78 12.60 22.09
N TRP B 196 -2.17 12.60 23.27
CA TRP B 196 -1.54 11.39 23.79
C TRP B 196 -2.50 10.20 23.90
N ASN B 197 -3.79 10.50 24.03
CA ASN B 197 -4.83 9.48 24.15
C ASN B 197 -5.19 8.78 22.85
N VAL B 198 -4.76 9.35 21.72
CA VAL B 198 -5.09 8.80 20.40
C VAL B 198 -3.89 8.33 19.59
N VAL B 199 -2.67 8.48 20.12
CA VAL B 199 -1.49 7.98 19.41
C VAL B 199 -1.53 6.45 19.28
N ASN B 200 -1.32 5.97 18.07
CA ASN B 200 -1.13 4.53 17.81
C ASN B 200 0.35 4.18 17.93
N TRP B 201 0.76 3.78 19.12
CA TRP B 201 2.16 3.44 19.39
C TRP B 201 2.66 2.20 18.66
N ASP B 202 1.73 1.33 18.26
CA ASP B 202 2.09 0.15 17.48
C ASP B 202 2.62 0.58 16.09
N GLU B 203 1.95 1.59 15.52
CA GLU B 203 2.36 2.14 14.23
C GLU B 203 3.68 2.92 14.36
N VAL B 204 3.81 3.70 15.43
CA VAL B 204 5.05 4.46 15.65
C VAL B 204 6.25 3.50 15.80
N SER B 205 6.05 2.39 16.52
CA SER B 205 7.08 1.36 16.67
C SER B 205 7.49 0.72 15.35
N LYS B 206 6.51 0.46 14.49
CA LYS B 206 6.75 -0.07 13.15
C LYS B 206 7.66 0.89 12.37
N ARG B 207 7.38 2.19 12.47
CA ARG B 207 8.16 3.23 11.81
C ARG B 207 9.55 3.42 12.39
N TYR B 208 9.69 3.21 13.70
CA TYR B 208 11.00 3.27 14.35
C TYR B 208 11.90 2.15 13.86
N ALA B 209 11.38 0.92 13.92
CA ALA B 209 12.12 -0.27 13.50
C ALA B 209 12.58 -0.10 12.05
N ALA B 210 11.70 0.46 11.22
CA ALA B 210 11.98 0.75 9.81
C ALA B 210 13.08 1.79 9.63
N ALA B 211 12.97 2.90 10.36
CA ALA B 211 13.96 3.99 10.29
C ALA B 211 15.31 3.57 10.82
N LYS B 212 15.32 2.54 11.66
CA LYS B 212 16.54 1.99 12.21
C LYS B 212 16.97 0.73 11.47
N ALA C 3 10.45 -25.48 15.43
CA ALA C 3 10.82 -24.42 14.44
C ALA C 3 9.59 -23.65 13.95
N TYR C 4 8.70 -24.34 13.24
CA TYR C 4 7.51 -23.69 12.71
C TYR C 4 6.25 -24.26 13.32
N THR C 5 5.22 -23.44 13.42
CA THR C 5 3.91 -23.89 13.86
C THR C 5 2.85 -23.44 12.88
N LEU C 6 1.76 -24.19 12.82
CA LEU C 6 0.63 -23.80 11.98
C LEU C 6 0.00 -22.55 12.60
N PRO C 7 -0.05 -21.44 11.84
CA PRO C 7 -0.67 -20.24 12.37
C PRO C 7 -2.19 -20.39 12.50
N GLN C 8 -2.78 -19.74 13.50
CA GLN C 8 -4.24 -19.61 13.56
C GLN C 8 -4.68 -18.67 12.44
N LEU C 9 -5.82 -18.98 11.81
CA LEU C 9 -6.47 -18.07 10.87
C LEU C 9 -6.93 -16.78 11.57
N PRO C 10 -6.96 -15.65 10.83
CA PRO C 10 -7.50 -14.39 11.37
C PRO C 10 -9.03 -14.35 11.44
N TYR C 11 -9.69 -15.44 11.04
CA TYR C 11 -11.15 -15.52 10.95
C TYR C 11 -11.56 -17.00 11.02
N ALA C 12 -12.87 -17.25 11.15
CA ALA C 12 -13.42 -18.61 11.15
C ALA C 12 -13.33 -19.25 9.75
N TYR C 13 -13.43 -20.58 9.69
CA TYR C 13 -13.34 -21.30 8.41
C TYR C 13 -14.42 -20.88 7.39
N ASP C 14 -15.57 -20.43 7.88
CA ASP C 14 -16.68 -20.03 7.02
C ASP C 14 -16.75 -18.51 6.76
N ALA C 15 -15.71 -17.78 7.16
CA ALA C 15 -15.73 -16.31 7.09
C ALA C 15 -15.67 -15.79 5.65
N LEU C 16 -15.19 -16.62 4.72
CA LEU C 16 -14.99 -16.18 3.34
C LEU C 16 -16.07 -16.70 2.39
N GLU C 17 -17.12 -17.28 2.97
CA GLU C 17 -18.27 -17.76 2.21
C GLU C 17 -18.99 -16.59 1.55
N PRO C 18 -19.56 -16.78 0.35
CA PRO C 18 -19.54 -17.99 -0.50
C PRO C 18 -18.35 -18.05 -1.47
N HIS C 19 -17.41 -17.12 -1.34
CA HIS C 19 -16.27 -17.03 -2.25
C HIS C 19 -15.32 -18.21 -2.11
N ILE C 20 -15.03 -18.60 -0.88
CA ILE C 20 -14.29 -19.82 -0.59
C ILE C 20 -15.04 -20.58 0.50
N ASP C 21 -15.34 -21.86 0.21
CA ASP C 21 -16.15 -22.70 1.10
C ASP C 21 -15.40 -23.07 2.37
N ALA C 22 -16.15 -23.21 3.46
CA ALA C 22 -15.58 -23.55 4.77
C ALA C 22 -14.83 -24.88 4.75
N ARG C 23 -15.33 -25.84 3.97
CA ARG C 23 -14.73 -27.17 3.93
C ARG C 23 -13.31 -27.09 3.37
N THR C 24 -13.18 -26.38 2.26
CA THR C 24 -11.89 -26.13 1.60
C THR C 24 -10.95 -25.38 2.54
N MET C 25 -11.45 -24.32 3.19
CA MET C 25 -10.63 -23.58 4.15
C MET C 25 -10.07 -24.50 5.24
N GLU C 26 -10.92 -25.35 5.82
CA GLU C 26 -10.48 -26.27 6.87
C GLU C 26 -9.40 -27.27 6.37
N ILE C 27 -9.68 -27.94 5.25
CA ILE C 27 -8.74 -28.92 4.69
C ILE C 27 -7.43 -28.22 4.28
N HIS C 28 -7.58 -27.09 3.59
CA HIS C 28 -6.43 -26.32 3.13
C HIS C 28 -5.51 -25.96 4.29
N HIS C 29 -6.12 -25.54 5.39
CA HIS C 29 -5.37 -25.09 6.57
C HIS C 29 -4.83 -26.30 7.37
N THR C 30 -5.74 -27.20 7.77
CA THR C 30 -5.36 -28.29 8.70
C THR C 30 -4.65 -29.50 8.08
N LYS C 31 -4.76 -29.67 6.77
CA LYS C 31 -4.11 -30.80 6.10
C LYS C 31 -2.96 -30.30 5.24
N HIS C 32 -3.25 -29.45 4.25
CA HIS C 32 -2.22 -28.99 3.31
C HIS C 32 -1.16 -28.13 3.99
N HIS C 33 -1.58 -27.05 4.64
CA HIS C 33 -0.61 -26.18 5.29
C HIS C 33 0.13 -26.90 6.42
N GLN C 34 -0.59 -27.68 7.23
CA GLN C 34 0.01 -28.47 8.30
C GLN C 34 1.12 -29.39 7.80
N THR C 35 0.90 -30.01 6.64
CA THR C 35 1.90 -30.91 6.04
C THR C 35 3.18 -30.16 5.67
N TYR C 36 3.05 -28.95 5.13
CA TYR C 36 4.22 -28.14 4.81
C TYR C 36 5.00 -27.78 6.08
N VAL C 37 4.28 -27.43 7.14
CA VAL C 37 4.89 -27.13 8.44
C VAL C 37 5.68 -28.32 8.97
N ASP C 38 5.05 -29.50 8.99
CA ASP C 38 5.65 -30.71 9.55
C ASP C 38 6.90 -31.11 8.76
N ASN C 39 6.80 -31.07 7.44
CA ASN C 39 7.89 -31.49 6.57
C ASN C 39 9.05 -30.49 6.57
N ALA C 40 8.72 -29.20 6.67
CA ALA C 40 9.72 -28.15 6.83
C ALA C 40 10.51 -28.34 8.13
N ASN C 41 9.78 -28.59 9.22
CA ASN C 41 10.39 -28.82 10.54
C ASN C 41 11.37 -29.98 10.53
N LYS C 42 10.97 -31.07 9.89
CA LYS C 42 11.82 -32.25 9.78
C LYS C 42 13.10 -31.94 9.01
N ALA C 43 12.98 -31.17 7.93
CA ALA C 43 14.13 -30.79 7.10
C ALA C 43 15.08 -29.84 7.84
N LEU C 44 14.52 -28.99 8.70
CA LEU C 44 15.31 -28.00 9.44
C LEU C 44 16.04 -28.56 10.65
N GLU C 45 15.65 -29.77 11.09
CA GLU C 45 16.32 -30.42 12.20
C GLU C 45 17.78 -30.68 11.85
N GLY C 46 18.68 -30.32 12.75
CA GLY C 46 20.12 -30.51 12.55
C GLY C 46 20.81 -29.34 11.86
N THR C 47 20.02 -28.45 11.27
CA THR C 47 20.55 -27.29 10.55
C THR C 47 20.73 -26.11 11.50
N GLU C 48 21.47 -25.10 11.07
CA GLU C 48 21.62 -23.88 11.85
C GLU C 48 20.55 -22.84 11.49
N PHE C 49 19.50 -23.29 10.80
CA PHE C 49 18.51 -22.38 10.24
C PHE C 49 17.12 -22.46 10.88
N ALA C 50 16.98 -23.31 11.90
CA ALA C 50 15.67 -23.59 12.51
C ALA C 50 14.99 -22.37 13.16
N ASP C 51 15.79 -21.42 13.62
CA ASP C 51 15.30 -20.25 14.36
C ASP C 51 14.92 -19.04 13.49
N LEU C 52 15.15 -19.14 12.18
CA LEU C 52 14.83 -18.05 11.26
C LEU C 52 13.34 -17.96 10.97
N PRO C 53 12.81 -16.73 10.81
CA PRO C 53 11.47 -16.58 10.24
C PRO C 53 11.46 -17.23 8.86
N VAL C 54 10.37 -17.92 8.53
CA VAL C 54 10.30 -18.68 7.26
C VAL C 54 10.54 -17.81 6.01
N GLU C 55 10.11 -16.55 6.06
CA GLU C 55 10.29 -15.62 4.93
C GLU C 55 11.76 -15.26 4.75
N GLN C 56 12.54 -15.37 5.82
CA GLN C 56 13.98 -15.19 5.76
C GLN C 56 14.69 -16.47 5.30
N LEU C 57 14.25 -17.61 5.81
CA LEU C 57 14.79 -18.91 5.38
C LEU C 57 14.73 -19.10 3.86
N ILE C 58 13.57 -18.83 3.26
CA ILE C 58 13.41 -19.07 1.81
C ILE C 58 14.27 -18.14 0.93
N GLN C 59 14.82 -17.10 1.55
CA GLN C 59 15.77 -16.20 0.88
C GLN C 59 17.21 -16.72 0.95
N GLN C 60 17.41 -17.80 1.71
CA GLN C 60 18.74 -18.34 1.97
C GLN C 60 18.87 -19.82 1.62
N LEU C 61 18.17 -20.24 0.58
CA LEU C 61 18.11 -21.65 0.21
C LEU C 61 19.43 -22.16 -0.35
N ASP C 62 20.28 -21.24 -0.80
CA ASP C 62 21.63 -21.59 -1.24
C ASP C 62 22.60 -21.83 -0.07
N ARG C 63 22.23 -21.39 1.14
CA ARG C 63 23.08 -21.53 2.33
C ARG C 63 22.73 -22.75 3.19
N VAL C 64 21.57 -23.35 2.95
CA VAL C 64 21.15 -24.54 3.71
C VAL C 64 21.86 -25.79 3.17
N PRO C 65 21.94 -26.87 3.99
CA PRO C 65 22.58 -28.10 3.48
C PRO C 65 21.93 -28.55 2.17
N ALA C 66 22.75 -29.02 1.22
CA ALA C 66 22.27 -29.37 -0.12
C ALA C 66 21.24 -30.49 -0.15
N ASP C 67 21.38 -31.47 0.74
CA ASP C 67 20.42 -32.56 0.81
C ASP C 67 19.06 -32.13 1.39
N LYS C 68 18.99 -30.91 1.91
CA LYS C 68 17.74 -30.38 2.48
C LYS C 68 17.07 -29.35 1.57
N LYS C 69 17.77 -28.90 0.54
CA LYS C 69 17.32 -27.77 -0.28
C LYS C 69 15.98 -28.03 -0.97
N GLY C 70 15.84 -29.21 -1.58
CA GLY C 70 14.58 -29.59 -2.22
C GLY C 70 13.37 -29.60 -1.30
N ALA C 71 13.49 -30.29 -0.17
CA ALA C 71 12.44 -30.34 0.84
C ALA C 71 12.14 -28.96 1.43
N LEU C 72 13.17 -28.14 1.62
CA LEU C 72 12.96 -26.78 2.15
C LEU C 72 12.31 -25.85 1.13
N ARG C 73 12.75 -25.94 -0.13
CA ARG C 73 12.12 -25.18 -1.20
C ARG C 73 10.61 -25.44 -1.25
N ASN C 74 10.25 -26.72 -1.25
CA ASN C 74 8.87 -27.15 -1.35
C ASN C 74 8.06 -26.88 -0.08
N ASN C 75 8.63 -27.21 1.06
CA ASN C 75 7.88 -27.13 2.32
C ASN C 75 7.97 -25.79 3.05
N ALA C 76 9.16 -25.21 3.16
CA ALA C 76 9.28 -23.87 3.71
C ALA C 76 8.61 -22.84 2.78
N GLY C 77 8.73 -23.05 1.47
CA GLY C 77 7.94 -22.29 0.49
C GLY C 77 6.45 -22.42 0.73
N GLY C 78 5.97 -23.65 0.88
CA GLY C 78 4.57 -23.92 1.22
C GLY C 78 4.12 -23.18 2.48
N HIS C 79 4.94 -23.24 3.52
CA HIS C 79 4.62 -22.56 4.79
C HIS C 79 4.59 -21.03 4.59
N ALA C 80 5.59 -20.48 3.92
CA ALA C 80 5.62 -19.03 3.66
C ALA C 80 4.42 -18.54 2.84
N ASN C 81 4.10 -19.28 1.78
CA ASN C 81 3.00 -18.94 0.87
C ASN C 81 1.66 -18.97 1.59
N HIS C 82 1.34 -20.08 2.25
CA HIS C 82 0.06 -20.17 2.96
C HIS C 82 -0.09 -19.20 4.12
N SER C 83 0.97 -18.99 4.89
CA SER C 83 0.98 -18.00 5.97
C SER C 83 0.58 -16.62 5.45
N MET C 84 1.16 -16.20 4.33
CA MET C 84 0.79 -14.94 3.71
C MET C 84 -0.66 -14.96 3.21
N PHE C 85 -1.00 -16.03 2.50
CA PHE C 85 -2.33 -16.22 1.90
C PHE C 85 -3.47 -15.97 2.89
N TRP C 86 -3.42 -16.60 4.07
CA TRP C 86 -4.49 -16.40 5.08
C TRP C 86 -4.61 -14.94 5.52
N GLN C 87 -3.46 -14.27 5.64
CA GLN C 87 -3.42 -12.90 6.14
C GLN C 87 -3.89 -11.86 5.12
N ILE C 88 -3.78 -12.16 3.82
CA ILE C 88 -4.20 -11.19 2.78
C ILE C 88 -5.65 -11.35 2.35
N MET C 89 -6.36 -12.27 3.01
CA MET C 89 -7.79 -12.40 2.85
C MET C 89 -8.53 -11.93 4.11
N GLY C 90 -9.81 -11.61 3.95
CA GLY C 90 -10.67 -11.21 5.05
C GLY C 90 -12.13 -11.14 4.64
N ASN C 99 -14.73 -3.58 -3.27
CA ASN C 99 -13.48 -3.89 -2.58
C ASN C 99 -12.26 -3.45 -3.39
N GLN C 100 -11.58 -2.40 -2.96
CA GLN C 100 -10.39 -1.92 -3.66
C GLN C 100 -9.43 -1.28 -2.65
N PRO C 101 -8.14 -1.17 -3.02
CA PRO C 101 -7.20 -0.46 -2.15
C PRO C 101 -7.43 1.04 -2.24
N SER C 102 -6.82 1.77 -1.31
CA SER C 102 -6.81 3.23 -1.35
C SER C 102 -5.41 3.73 -0.99
N GLY C 103 -5.23 5.05 -1.03
CA GLY C 103 -3.99 5.68 -0.58
C GLY C 103 -2.76 5.33 -1.40
N GLU C 104 -1.64 5.10 -0.71
CA GLU C 104 -0.36 4.95 -1.40
C GLU C 104 -0.29 3.72 -2.29
N LEU C 105 -0.91 2.63 -1.86
CA LEU C 105 -0.94 1.41 -2.67
C LEU C 105 -1.76 1.62 -3.95
N LEU C 106 -2.89 2.30 -3.84
CA LEU C 106 -3.69 2.60 -5.02
C LEU C 106 -2.89 3.48 -6.00
N ASP C 107 -2.25 4.51 -5.46
CA ASP C 107 -1.40 5.40 -6.26
C ASP C 107 -0.29 4.64 -7.00
N ALA C 108 0.36 3.70 -6.30
CA ALA C 108 1.39 2.85 -6.90
C ALA C 108 0.84 1.88 -7.95
N ILE C 109 -0.36 1.36 -7.73
CA ILE C 109 -1.04 0.51 -8.71
C ILE C 109 -1.43 1.31 -9.97
N ASN C 110 -1.93 2.53 -9.76
CA ASN C 110 -2.24 3.42 -10.88
C ASN C 110 -0.98 3.71 -11.69
N SER C 111 0.12 3.98 -10.99
CA SER C 111 1.40 4.29 -11.63
C SER C 111 1.91 3.11 -12.47
N ALA C 112 1.91 1.94 -11.86
CA ALA C 112 2.47 0.73 -12.45
C ALA C 112 1.61 0.13 -13.56
N PHE C 113 0.28 0.13 -13.37
CA PHE C 113 -0.64 -0.61 -14.23
C PHE C 113 -1.69 0.23 -14.95
N GLY C 114 -1.74 1.53 -14.66
CA GLY C 114 -2.71 2.43 -15.30
C GLY C 114 -3.99 2.60 -14.51
N SER C 115 -4.51 1.49 -13.97
CA SER C 115 -5.72 1.49 -13.14
C SER C 115 -5.83 0.22 -12.32
N PHE C 116 -6.70 0.26 -11.31
CA PHE C 116 -6.99 -0.93 -10.51
C PHE C 116 -7.63 -2.03 -11.37
N ASP C 117 -8.55 -1.67 -12.26
CA ASP C 117 -9.14 -2.66 -13.17
C ASP C 117 -8.13 -3.33 -14.10
N ALA C 118 -7.16 -2.55 -14.58
CA ALA C 118 -6.06 -3.07 -15.42
C ALA C 118 -5.14 -4.01 -14.64
N PHE C 119 -4.74 -3.61 -13.45
CA PHE C 119 -3.99 -4.51 -12.57
C PHE C 119 -4.71 -5.83 -12.40
N LYS C 120 -6.00 -5.78 -12.04
CA LYS C 120 -6.78 -7.00 -11.80
C LYS C 120 -6.74 -7.92 -13.00
N GLN C 121 -6.85 -7.35 -14.21
CA GLN C 121 -6.80 -8.11 -15.44
C GLN C 121 -5.43 -8.77 -15.66
N LYS C 122 -4.36 -8.03 -15.36
CA LYS C 122 -2.99 -8.57 -15.45
C LYS C 122 -2.77 -9.70 -14.43
N PHE C 123 -3.25 -9.49 -13.20
CA PHE C 123 -3.11 -10.48 -12.12
C PHE C 123 -3.87 -11.77 -12.43
N GLU C 124 -5.13 -11.64 -12.87
CA GLU C 124 -5.94 -12.79 -13.29
C GLU C 124 -5.32 -13.54 -14.47
N ASP C 125 -4.75 -12.81 -15.43
CA ASP C 125 -4.09 -13.43 -16.58
C ASP C 125 -2.88 -14.28 -16.15
N ALA C 126 -2.02 -13.71 -15.30
CA ALA C 126 -0.91 -14.46 -14.72
C ALA C 126 -1.38 -15.72 -13.98
N ALA C 127 -2.47 -15.58 -13.22
CA ALA C 127 -3.04 -16.73 -12.51
C ALA C 127 -3.65 -17.77 -13.44
N LYS C 128 -4.28 -17.33 -14.52
CA LYS C 128 -4.87 -18.23 -15.51
C LYS C 128 -3.83 -18.95 -16.37
N THR C 129 -2.75 -18.25 -16.69
CA THR C 129 -1.72 -18.85 -17.56
C THR C 129 -0.70 -19.72 -16.80
N ARG C 130 -0.80 -19.76 -15.48
CA ARG C 130 0.06 -20.65 -14.70
C ARG C 130 -0.39 -22.11 -14.91
N PHE C 131 0.40 -22.84 -15.69
CA PHE C 131 0.07 -24.22 -16.05
C PHE C 131 0.54 -25.18 -14.99
N GLY C 132 -0.38 -26.02 -14.52
CA GLY C 132 -0.10 -26.93 -13.41
C GLY C 132 -0.32 -26.20 -12.10
N SER C 133 0.45 -26.59 -11.08
CA SER C 133 0.31 -26.02 -9.74
C SER C 133 1.17 -24.78 -9.57
N GLY C 134 0.68 -23.82 -8.82
CA GLY C 134 1.46 -22.62 -8.55
C GLY C 134 0.69 -21.48 -7.90
N TRP C 135 1.27 -20.29 -8.00
CA TRP C 135 0.76 -19.07 -7.38
C TRP C 135 0.91 -17.92 -8.35
N ALA C 136 0.04 -16.91 -8.24
CA ALA C 136 0.27 -15.65 -8.94
C ALA C 136 0.48 -14.56 -7.88
N TRP C 137 1.36 -13.61 -8.18
CA TRP C 137 1.80 -12.64 -7.18
C TRP C 137 1.80 -11.21 -7.67
N LEU C 138 1.53 -10.30 -6.73
CA LEU C 138 1.87 -8.89 -6.89
C LEU C 138 3.12 -8.63 -6.07
N VAL C 139 4.21 -8.28 -6.74
CA VAL C 139 5.49 -8.08 -6.07
C VAL C 139 5.98 -6.64 -6.16
N VAL C 140 6.84 -6.25 -5.22
CA VAL C 140 7.57 -4.99 -5.31
C VAL C 140 8.99 -5.39 -5.68
N LYS C 141 9.45 -4.87 -6.81
CA LYS C 141 10.76 -5.17 -7.34
C LYS C 141 11.40 -3.86 -7.77
N ASP C 142 12.53 -3.52 -7.14
CA ASP C 142 13.23 -2.26 -7.36
C ASP C 142 12.30 -1.07 -7.08
N GLY C 143 11.54 -1.19 -6.00
CA GLY C 143 10.55 -0.19 -5.62
C GLY C 143 9.37 -0.06 -6.57
N LYS C 144 9.31 -0.93 -7.57
CA LYS C 144 8.23 -0.88 -8.56
C LYS C 144 7.35 -2.14 -8.49
N LEU C 145 6.05 -1.95 -8.69
CA LEU C 145 5.10 -3.07 -8.65
C LEU C 145 5.10 -3.88 -9.94
N ASP C 146 4.93 -5.19 -9.83
CA ASP C 146 4.82 -6.07 -10.99
C ASP C 146 3.99 -7.32 -10.66
N VAL C 147 3.46 -7.98 -11.69
CA VAL C 147 2.72 -9.23 -11.52
C VAL C 147 3.56 -10.37 -12.12
N VAL C 148 3.74 -11.44 -11.34
CA VAL C 148 4.50 -12.61 -11.77
C VAL C 148 3.80 -13.87 -11.27
N SER C 149 4.22 -15.03 -11.75
CA SER C 149 3.75 -16.28 -11.16
C SER C 149 4.91 -17.23 -10.92
N THR C 150 4.69 -18.20 -10.03
CA THR C 150 5.68 -19.23 -9.71
C THR C 150 5.04 -20.61 -9.84
N ALA C 151 5.89 -21.60 -10.02
CA ALA C 151 5.50 -23.02 -10.01
C ALA C 151 5.46 -23.57 -8.59
N ASN C 152 4.53 -24.50 -8.37
CA ASN C 152 4.47 -25.29 -7.14
C ASN C 152 4.44 -24.43 -5.88
N GLN C 153 5.40 -24.58 -4.98
CA GLN C 153 5.45 -23.67 -3.82
C GLN C 153 6.61 -22.68 -3.88
N ASP C 154 7.12 -22.42 -5.07
CA ASP C 154 8.16 -21.41 -5.24
C ASP C 154 7.57 -20.04 -4.88
N ASN C 155 8.42 -19.16 -4.38
CA ASN C 155 8.00 -17.82 -3.94
C ASN C 155 9.06 -16.86 -4.51
N PRO C 156 8.64 -15.68 -5.04
CA PRO C 156 9.61 -14.74 -5.61
C PRO C 156 10.75 -14.32 -4.67
N LEU C 157 10.54 -14.46 -3.35
CA LEU C 157 11.58 -14.20 -2.35
C LEU C 157 12.79 -15.12 -2.51
N MET C 158 12.60 -16.26 -3.15
CA MET C 158 13.68 -17.23 -3.37
C MET C 158 14.68 -16.75 -4.42
N GLY C 159 14.26 -15.77 -5.22
CA GLY C 159 15.10 -15.20 -6.27
C GLY C 159 14.94 -15.87 -7.61
N GLU C 160 15.45 -15.21 -8.65
CA GLU C 160 15.23 -15.60 -10.04
C GLU C 160 15.81 -16.97 -10.40
N ALA C 161 16.96 -17.32 -9.82
CA ALA C 161 17.62 -18.60 -10.11
C ALA C 161 16.75 -19.78 -9.70
N ILE C 162 16.08 -19.68 -8.55
CA ILE C 162 15.22 -20.75 -8.08
C ILE C 162 13.78 -20.61 -8.59
N ALA C 163 13.16 -19.46 -8.33
CA ALA C 163 11.73 -19.26 -8.59
C ALA C 163 11.37 -18.88 -10.03
N GLY C 164 12.36 -18.39 -10.78
CA GLY C 164 12.15 -17.90 -12.15
C GLY C 164 11.79 -16.43 -12.22
N VAL C 165 11.37 -15.88 -11.08
CA VAL C 165 10.99 -14.47 -10.95
C VAL C 165 11.56 -13.98 -9.61
N SER C 166 11.51 -12.67 -9.37
CA SER C 166 11.97 -12.12 -8.09
C SER C 166 11.10 -10.96 -7.61
N GLY C 167 11.36 -10.47 -6.40
CA GLY C 167 10.56 -9.41 -5.80
C GLY C 167 9.96 -9.84 -4.47
N THR C 168 9.44 -8.86 -3.73
CA THR C 168 8.79 -9.10 -2.44
C THR C 168 7.28 -9.16 -2.66
N PRO C 169 6.65 -10.32 -2.39
CA PRO C 169 5.20 -10.42 -2.60
C PRO C 169 4.43 -9.65 -1.54
N ILE C 170 3.40 -8.94 -1.97
CA ILE C 170 2.51 -8.24 -1.05
C ILE C 170 1.08 -8.79 -1.18
N LEU C 171 0.85 -9.55 -2.24
CA LEU C 171 -0.40 -10.25 -2.50
C LEU C 171 -0.11 -11.49 -3.34
N GLY C 172 -0.79 -12.58 -3.02
CA GLY C 172 -0.65 -13.83 -3.79
C GLY C 172 -1.96 -14.58 -3.77
N VAL C 173 -2.21 -15.33 -4.84
CA VAL C 173 -3.36 -16.22 -4.92
C VAL C 173 -2.87 -17.63 -5.24
N ASP C 174 -3.43 -18.60 -4.51
CA ASP C 174 -3.06 -20.00 -4.66
C ASP C 174 -3.89 -20.57 -5.82
N VAL C 175 -3.21 -21.09 -6.84
CA VAL C 175 -3.92 -21.72 -7.96
C VAL C 175 -3.62 -23.24 -8.08
N TRP C 176 -3.09 -23.84 -7.02
CA TRP C 176 -3.14 -25.28 -6.88
C TRP C 176 -4.62 -25.64 -6.93
N GLU C 177 -4.94 -26.76 -7.57
CA GLU C 177 -6.34 -27.21 -7.66
C GLU C 177 -6.98 -27.40 -6.27
N HIS C 178 -6.22 -27.79 -5.26
CA HIS C 178 -6.81 -27.97 -3.91
C HIS C 178 -7.43 -26.68 -3.36
N ALA C 179 -6.98 -25.54 -3.85
CA ALA C 179 -7.46 -24.25 -3.37
C ALA C 179 -8.86 -23.91 -3.89
N TYR C 180 -9.30 -24.59 -4.96
CA TYR C 180 -10.58 -24.22 -5.58
C TYR C 180 -11.47 -25.36 -6.07
N TYR C 181 -10.95 -26.59 -6.07
CA TYR C 181 -11.68 -27.68 -6.73
C TYR C 181 -13.03 -28.06 -6.13
N LEU C 182 -13.14 -28.07 -4.81
CA LEU C 182 -14.39 -28.50 -4.17
C LEU C 182 -15.54 -27.57 -4.51
N ASN C 183 -15.25 -26.28 -4.64
CA ASN C 183 -16.28 -25.27 -4.93
C ASN C 183 -16.41 -24.88 -6.41
N TYR C 184 -15.31 -24.94 -7.15
CA TYR C 184 -15.30 -24.45 -8.54
C TYR C 184 -14.93 -25.49 -9.59
N GLN C 185 -14.41 -26.63 -9.15
CA GLN C 185 -13.89 -27.67 -10.05
C GLN C 185 -12.90 -27.05 -11.07
N ASN C 186 -13.10 -27.32 -12.35
CA ASN C 186 -12.21 -26.81 -13.42
C ASN C 186 -12.23 -25.30 -13.61
N ARG C 187 -13.24 -24.65 -13.03
CA ARG C 187 -13.51 -23.24 -13.30
C ARG C 187 -12.60 -22.29 -12.52
N ARG C 188 -11.29 -22.39 -12.74
CA ARG C 188 -10.33 -21.49 -12.11
C ARG C 188 -10.64 -19.99 -12.32
N PRO C 189 -11.07 -19.59 -13.54
CA PRO C 189 -11.42 -18.16 -13.71
C PRO C 189 -12.50 -17.65 -12.75
N ASP C 190 -13.50 -18.48 -12.43
CA ASP C 190 -14.57 -18.10 -11.50
C ASP C 190 -14.06 -17.94 -10.07
N TYR C 191 -13.13 -18.81 -9.69
CA TYR C 191 -12.49 -18.71 -8.38
C TYR C 191 -11.71 -17.42 -8.29
N LEU C 192 -11.00 -17.08 -9.38
CA LEU C 192 -10.18 -15.88 -9.41
C LEU C 192 -11.00 -14.59 -9.36
N ALA C 193 -12.16 -14.61 -10.01
CA ALA C 193 -13.09 -13.48 -9.95
C ALA C 193 -13.63 -13.31 -8.52
N ALA C 194 -13.96 -14.43 -7.88
CA ALA C 194 -14.49 -14.43 -6.51
C ALA C 194 -13.46 -13.98 -5.49
N PHE C 195 -12.18 -14.26 -5.79
CA PHE C 195 -11.07 -13.93 -4.91
C PHE C 195 -10.98 -12.44 -4.59
N TRP C 196 -11.22 -11.59 -5.59
CA TRP C 196 -11.25 -10.13 -5.37
C TRP C 196 -12.19 -9.69 -4.23
N ASN C 197 -13.26 -10.46 -3.99
CA ASN C 197 -14.22 -10.16 -2.92
C ASN C 197 -13.63 -10.31 -1.52
N VAL C 198 -12.61 -11.15 -1.40
CA VAL C 198 -12.06 -11.47 -0.08
C VAL C 198 -10.67 -10.89 0.20
N VAL C 199 -10.08 -10.18 -0.76
CA VAL C 199 -8.76 -9.58 -0.51
C VAL C 199 -8.85 -8.51 0.59
N ASN C 200 -7.92 -8.61 1.54
CA ASN C 200 -7.77 -7.61 2.60
C ASN C 200 -6.74 -6.55 2.15
N TRP C 201 -7.23 -5.47 1.56
CA TRP C 201 -6.36 -4.42 1.01
C TRP C 201 -5.62 -3.63 2.10
N ASP C 202 -6.19 -3.60 3.30
CA ASP C 202 -5.51 -3.04 4.48
C ASP C 202 -4.22 -3.80 4.78
N GLU C 203 -4.29 -5.14 4.74
CA GLU C 203 -3.11 -5.98 4.93
C GLU C 203 -2.13 -5.88 3.74
N VAL C 204 -2.64 -5.85 2.52
CA VAL C 204 -1.78 -5.66 1.33
C VAL C 204 -1.03 -4.31 1.39
N SER C 205 -1.72 -3.25 1.80
CA SER C 205 -1.09 -1.93 1.97
C SER C 205 0.00 -1.95 3.03
N LYS C 206 -0.27 -2.62 4.14
CA LYS C 206 0.72 -2.80 5.20
C LYS C 206 1.97 -3.50 4.65
N ARG C 207 1.76 -4.56 3.88
CA ARG C 207 2.88 -5.27 3.27
C ARG C 207 3.65 -4.41 2.26
N TYR C 208 2.93 -3.61 1.48
CA TYR C 208 3.54 -2.67 0.55
C TYR C 208 4.42 -1.64 1.26
N ALA C 209 3.94 -1.08 2.38
CA ALA C 209 4.71 -0.11 3.17
C ALA C 209 6.01 -0.72 3.70
N ALA C 210 5.92 -1.96 4.19
CA ALA C 210 7.09 -2.71 4.66
C ALA C 210 8.06 -3.07 3.53
N ALA C 211 7.52 -3.44 2.37
CA ALA C 211 8.33 -3.84 1.21
C ALA C 211 9.13 -2.69 0.61
N LYS C 212 8.63 -1.46 0.75
CA LYS C 212 9.33 -0.28 0.24
C LYS C 212 10.65 -0.05 0.97
N LEU C 213 10.71 -0.51 2.21
CA LEU C 213 11.91 -0.42 3.03
C LEU C 213 12.77 -1.67 2.82
N VAL C 214 13.63 -1.60 1.80
CA VAL C 214 14.52 -2.70 1.38
C VAL C 214 13.81 -4.05 1.27
N ALA D 3 -7.70 -32.72 -37.44
CA ALA D 3 -7.58 -32.15 -36.07
C ALA D 3 -7.71 -33.24 -35.01
N TYR D 4 -7.19 -32.99 -33.80
CA TYR D 4 -7.43 -33.89 -32.68
C TYR D 4 -8.89 -33.81 -32.26
N THR D 5 -9.42 -34.92 -31.76
CA THR D 5 -10.77 -34.95 -31.22
C THR D 5 -10.76 -35.59 -29.84
N LEU D 6 -11.78 -35.29 -29.03
CA LEU D 6 -11.93 -35.96 -27.74
C LEU D 6 -12.40 -37.40 -27.99
N PRO D 7 -11.64 -38.39 -27.50
CA PRO D 7 -12.06 -39.78 -27.69
C PRO D 7 -13.20 -40.10 -26.74
N GLN D 8 -14.13 -40.96 -27.14
CA GLN D 8 -15.13 -41.45 -26.19
C GLN D 8 -14.49 -42.46 -25.24
N LEU D 9 -14.99 -42.51 -24.02
CA LEU D 9 -14.52 -43.45 -23.01
C LEU D 9 -14.91 -44.89 -23.34
N PRO D 10 -14.09 -45.87 -22.94
CA PRO D 10 -14.46 -47.29 -23.11
C PRO D 10 -15.60 -47.78 -22.20
N TYR D 11 -16.17 -46.89 -21.39
CA TYR D 11 -17.13 -47.25 -20.33
C TYR D 11 -17.92 -46.00 -19.90
N ALA D 12 -18.98 -46.20 -19.12
CA ALA D 12 -19.78 -45.10 -18.58
C ALA D 12 -19.01 -44.30 -17.52
N TYR D 13 -19.46 -43.08 -17.23
CA TYR D 13 -18.80 -42.23 -16.24
C TYR D 13 -18.80 -42.82 -14.84
N ASP D 14 -19.79 -43.65 -14.54
CA ASP D 14 -19.88 -44.28 -13.23
C ASP D 14 -19.29 -45.69 -13.15
N ALA D 15 -18.63 -46.13 -14.23
CA ALA D 15 -18.11 -47.51 -14.31
C ALA D 15 -16.98 -47.83 -13.33
N LEU D 16 -16.26 -46.80 -12.90
CA LEU D 16 -15.09 -46.99 -12.02
C LEU D 16 -15.38 -46.71 -10.53
N GLU D 17 -16.65 -46.49 -10.19
CA GLU D 17 -17.05 -46.25 -8.79
C GLU D 17 -16.86 -47.52 -7.95
N PRO D 18 -16.56 -47.38 -6.64
CA PRO D 18 -16.33 -46.12 -5.91
C PRO D 18 -14.87 -45.65 -5.96
N HIS D 19 -14.07 -46.31 -6.78
CA HIS D 19 -12.62 -46.02 -6.86
C HIS D 19 -12.38 -44.63 -7.46
N ILE D 20 -13.09 -44.33 -8.54
CA ILE D 20 -13.12 -42.97 -9.08
C ILE D 20 -14.60 -42.56 -9.24
N ASP D 21 -14.94 -41.40 -8.70
CA ASP D 21 -16.33 -40.91 -8.73
C ASP D 21 -16.77 -40.46 -10.14
N ALA D 22 -18.05 -40.69 -10.43
CA ALA D 22 -18.66 -40.36 -11.72
C ALA D 22 -18.54 -38.87 -12.07
N ARG D 23 -18.71 -38.00 -11.07
CA ARG D 23 -18.57 -36.55 -11.30
C ARG D 23 -17.17 -36.21 -11.80
N THR D 24 -16.16 -36.72 -11.12
CA THR D 24 -14.76 -36.55 -11.53
C THR D 24 -14.52 -37.06 -12.95
N MET D 25 -14.91 -38.30 -13.24
CA MET D 25 -14.78 -38.84 -14.60
C MET D 25 -15.38 -37.91 -15.66
N GLU D 26 -16.58 -37.38 -15.39
CA GLU D 26 -17.25 -36.49 -16.33
C GLU D 26 -16.48 -35.18 -16.55
N ILE D 27 -16.05 -34.55 -15.46
CA ILE D 27 -15.37 -33.26 -15.57
C ILE D 27 -13.97 -33.47 -16.16
N HIS D 28 -13.30 -34.51 -15.70
CA HIS D 28 -11.96 -34.83 -16.18
C HIS D 28 -11.96 -35.00 -17.70
N HIS D 29 -12.96 -35.73 -18.19
CA HIS D 29 -13.09 -35.98 -19.61
C HIS D 29 -13.60 -34.76 -20.39
N THR D 30 -14.76 -34.23 -19.98
CA THR D 30 -15.47 -33.24 -20.82
C THR D 30 -14.92 -31.81 -20.67
N LYS D 31 -14.24 -31.54 -19.56
CA LYS D 31 -13.64 -30.23 -19.33
C LYS D 31 -12.13 -30.24 -19.51
N HIS D 32 -11.40 -30.96 -18.66
CA HIS D 32 -9.93 -30.97 -18.71
C HIS D 32 -9.35 -31.52 -20.01
N HIS D 33 -9.70 -32.76 -20.35
CA HIS D 33 -9.17 -33.37 -21.57
C HIS D 33 -9.58 -32.58 -22.82
N GLN D 34 -10.86 -32.19 -22.87
CA GLN D 34 -11.37 -31.38 -23.98
C GLN D 34 -10.54 -30.11 -24.19
N THR D 35 -10.23 -29.42 -23.10
CA THR D 35 -9.40 -28.22 -23.14
C THR D 35 -8.04 -28.48 -23.78
N TYR D 36 -7.37 -29.56 -23.41
CA TYR D 36 -6.08 -29.91 -24.01
C TYR D 36 -6.21 -30.16 -25.52
N VAL D 37 -7.25 -30.89 -25.93
CA VAL D 37 -7.54 -31.12 -27.36
C VAL D 37 -7.74 -29.80 -28.09
N ASP D 38 -8.60 -28.96 -27.53
CA ASP D 38 -8.92 -27.65 -28.11
C ASP D 38 -7.69 -26.78 -28.24
N ASN D 39 -6.88 -26.73 -27.18
CA ASN D 39 -5.68 -25.90 -27.19
C ASN D 39 -4.55 -26.41 -28.09
N ALA D 40 -4.44 -27.73 -28.22
CA ALA D 40 -3.46 -28.32 -29.14
C ALA D 40 -3.82 -28.00 -30.59
N ASN D 41 -5.10 -28.13 -30.94
CA ASN D 41 -5.58 -27.80 -32.28
C ASN D 41 -5.30 -26.34 -32.68
N LYS D 42 -5.47 -25.42 -31.72
CA LYS D 42 -5.16 -24.01 -31.92
C LYS D 42 -3.68 -23.77 -32.21
N ALA D 43 -2.81 -24.48 -31.48
CA ALA D 43 -1.37 -24.37 -31.65
C ALA D 43 -0.87 -24.94 -32.99
N LEU D 44 -1.64 -25.92 -33.53
CA LEU D 44 -1.21 -26.62 -34.75
C LEU D 44 -1.68 -26.00 -36.05
N GLU D 45 -2.87 -25.37 -36.01
CA GLU D 45 -3.41 -24.69 -37.17
C GLU D 45 -2.40 -23.64 -37.70
N GLY D 46 -1.79 -23.92 -38.97
CA GLY D 46 -0.68 -23.11 -39.52
C GLY D 46 0.64 -23.90 -39.58
N THR D 47 0.90 -24.72 -38.52
CA THR D 47 2.12 -25.56 -38.48
C THR D 47 1.97 -26.76 -39.43
N GLU D 48 3.18 -27.32 -39.83
CA GLU D 48 3.18 -28.48 -40.72
C GLU D 48 3.03 -29.80 -39.96
N PHE D 49 2.71 -29.70 -38.67
CA PHE D 49 2.66 -30.85 -37.78
C PHE D 49 1.24 -31.27 -37.43
N ALA D 50 0.26 -30.63 -38.06
CA ALA D 50 -1.16 -30.83 -37.74
C ALA D 50 -1.70 -32.21 -38.13
N ASP D 51 -0.92 -32.96 -38.90
CA ASP D 51 -1.36 -34.23 -39.46
C ASP D 51 -0.93 -35.47 -38.67
N LEU D 52 0.00 -35.29 -37.73
CA LEU D 52 0.62 -36.41 -37.01
C LEU D 52 -0.25 -36.96 -35.89
N PRO D 53 -0.18 -38.27 -35.64
CA PRO D 53 -0.77 -38.80 -34.41
C PRO D 53 -0.10 -38.13 -33.22
N VAL D 54 -0.86 -37.90 -32.15
CA VAL D 54 -0.37 -37.09 -31.02
C VAL D 54 0.89 -37.72 -30.40
N GLU D 55 0.94 -39.04 -30.34
CA GLU D 55 2.08 -39.77 -29.76
C GLU D 55 3.37 -39.54 -30.55
N GLN D 56 3.24 -39.26 -31.85
CA GLN D 56 4.37 -38.95 -32.72
C GLN D 56 4.78 -37.49 -32.59
N LEU D 57 3.80 -36.60 -32.50
CA LEU D 57 4.05 -35.17 -32.30
C LEU D 57 4.90 -34.89 -31.06
N ILE D 58 4.52 -35.49 -29.91
CA ILE D 58 5.25 -35.22 -28.66
C ILE D 58 6.68 -35.77 -28.67
N GLN D 59 7.00 -36.60 -29.66
CA GLN D 59 8.37 -37.05 -29.90
C GLN D 59 9.15 -36.10 -30.83
N GLN D 60 8.50 -35.04 -31.29
CA GLN D 60 9.09 -34.10 -32.26
C GLN D 60 9.03 -32.64 -31.82
N LEU D 61 8.96 -32.42 -30.51
CA LEU D 61 8.78 -31.06 -29.97
C LEU D 61 9.99 -30.17 -30.23
N ASP D 62 11.16 -30.78 -30.46
CA ASP D 62 12.35 -30.02 -30.83
C ASP D 62 12.28 -29.47 -32.26
N ARG D 63 11.31 -29.95 -33.04
CA ARG D 63 11.16 -29.53 -34.44
C ARG D 63 10.05 -28.52 -34.71
N VAL D 64 9.11 -28.37 -33.78
CA VAL D 64 7.97 -27.44 -33.97
C VAL D 64 8.44 -25.98 -33.86
N PRO D 65 7.66 -25.02 -34.40
CA PRO D 65 8.01 -23.60 -34.22
C PRO D 65 8.26 -23.27 -32.75
N ALA D 66 9.32 -22.50 -32.49
CA ALA D 66 9.82 -22.31 -31.12
C ALA D 66 8.77 -21.70 -30.20
N ASP D 67 7.97 -20.79 -30.74
CA ASP D 67 6.90 -20.14 -29.99
C ASP D 67 5.73 -21.06 -29.65
N LYS D 68 5.63 -22.20 -30.32
CA LYS D 68 4.54 -23.15 -30.11
C LYS D 68 4.97 -24.36 -29.26
N LYS D 69 6.26 -24.47 -28.97
CA LYS D 69 6.81 -25.62 -28.25
C LYS D 69 6.17 -25.79 -26.86
N GLY D 70 6.03 -24.67 -26.13
CA GLY D 70 5.40 -24.67 -24.83
C GLY D 70 3.95 -25.12 -24.84
N ALA D 71 3.15 -24.50 -25.73
CA ALA D 71 1.74 -24.83 -25.87
C ALA D 71 1.52 -26.29 -26.28
N LEU D 72 2.36 -26.80 -27.18
CA LEU D 72 2.23 -28.18 -27.65
C LEU D 72 2.66 -29.19 -26.59
N ARG D 73 3.78 -28.92 -25.92
CA ARG D 73 4.25 -29.74 -24.81
C ARG D 73 3.12 -29.93 -23.78
N ASN D 74 2.50 -28.82 -23.38
CA ASN D 74 1.42 -28.83 -22.39
C ASN D 74 0.13 -29.48 -22.88
N ASN D 75 -0.30 -29.08 -24.07
CA ASN D 75 -1.62 -29.53 -24.56
C ASN D 75 -1.65 -30.82 -25.36
N ALA D 76 -0.68 -31.01 -26.27
CA ALA D 76 -0.53 -32.31 -26.93
C ALA D 76 -0.10 -33.37 -25.92
N GLY D 77 0.76 -32.97 -24.98
CA GLY D 77 1.10 -33.81 -23.84
C GLY D 77 -0.16 -34.24 -23.11
N GLY D 78 -1.02 -33.27 -22.78
CA GLY D 78 -2.26 -33.56 -22.03
C GLY D 78 -3.18 -34.49 -22.80
N HIS D 79 -3.32 -34.24 -24.10
CA HIS D 79 -4.10 -35.12 -24.98
C HIS D 79 -3.54 -36.55 -25.00
N ALA D 80 -2.24 -36.68 -25.23
CA ALA D 80 -1.61 -37.99 -25.25
C ALA D 80 -1.78 -38.72 -23.91
N ASN D 81 -1.53 -37.99 -22.82
CA ASN D 81 -1.60 -38.58 -21.48
C ASN D 81 -2.99 -39.10 -21.14
N HIS D 82 -4.00 -38.25 -21.33
CA HIS D 82 -5.37 -38.61 -20.99
C HIS D 82 -5.94 -39.70 -21.88
N SER D 83 -5.61 -39.65 -23.17
CA SER D 83 -6.08 -40.68 -24.09
C SER D 83 -5.62 -42.07 -23.63
N MET D 84 -4.35 -42.16 -23.26
CA MET D 84 -3.83 -43.41 -22.72
C MET D 84 -4.49 -43.75 -21.37
N PHE D 85 -4.59 -42.76 -20.48
CA PHE D 85 -5.22 -42.94 -19.15
C PHE D 85 -6.59 -43.65 -19.22
N TRP D 86 -7.48 -43.19 -20.09
CA TRP D 86 -8.83 -43.78 -20.17
C TRP D 86 -8.80 -45.26 -20.55
N GLN D 87 -7.86 -45.63 -21.43
CA GLN D 87 -7.80 -46.97 -21.98
C GLN D 87 -7.14 -47.99 -21.04
N ILE D 88 -6.28 -47.52 -20.14
CA ILE D 88 -5.63 -48.44 -19.19
C ILE D 88 -6.41 -48.66 -17.90
N MET D 89 -7.58 -48.04 -17.81
CA MET D 89 -8.54 -48.35 -16.75
C MET D 89 -9.73 -49.12 -17.31
N GLY D 90 -10.49 -49.75 -16.42
CA GLY D 90 -11.67 -50.51 -16.83
C GLY D 90 -12.56 -50.92 -15.67
N GLN D 91 -13.81 -51.29 -15.99
CA GLN D 91 -14.81 -51.69 -14.99
C GLN D 91 -14.78 -53.19 -14.65
N GLY D 92 -15.12 -53.51 -13.41
CA GLY D 92 -15.18 -54.90 -12.93
C GLY D 92 -13.93 -55.72 -13.20
N GLN D 93 -12.76 -55.11 -12.99
CA GLN D 93 -11.47 -55.74 -13.34
C GLN D 93 -11.02 -56.78 -12.32
N GLY D 94 -10.34 -57.80 -12.83
CA GLY D 94 -9.66 -58.75 -11.97
C GLY D 94 -10.17 -60.16 -12.14
N GLN D 95 -9.64 -61.06 -11.34
CA GLN D 95 -10.06 -62.45 -11.35
C GLN D 95 -9.94 -63.01 -9.94
N ASN D 96 -10.98 -63.73 -9.53
CA ASN D 96 -11.15 -64.25 -8.16
C ASN D 96 -10.36 -63.55 -7.04
N GLY D 97 -10.76 -62.31 -6.74
CA GLY D 97 -10.28 -61.60 -5.57
C GLY D 97 -9.09 -60.69 -5.78
N ALA D 98 -8.46 -60.78 -6.96
CA ALA D 98 -7.26 -60.01 -7.23
C ALA D 98 -7.20 -59.50 -8.66
N ASN D 99 -6.68 -58.29 -8.82
CA ASN D 99 -6.44 -57.68 -10.13
C ASN D 99 -4.93 -57.56 -10.34
N GLN D 100 -4.42 -58.32 -11.30
CA GLN D 100 -2.98 -58.41 -11.50
C GLN D 100 -2.65 -58.82 -12.94
N PRO D 101 -1.46 -58.44 -13.43
CA PRO D 101 -1.06 -58.89 -14.78
C PRO D 101 -0.69 -60.38 -14.78
N SER D 102 -0.58 -60.95 -15.98
CA SER D 102 -0.14 -62.32 -16.12
C SER D 102 0.78 -62.44 -17.34
N GLY D 103 1.27 -63.65 -17.61
CA GLY D 103 2.08 -63.90 -18.79
C GLY D 103 3.35 -63.06 -18.87
N GLU D 104 3.66 -62.58 -20.08
CA GLU D 104 4.94 -61.93 -20.33
C GLU D 104 5.15 -60.65 -19.52
N LEU D 105 4.09 -59.89 -19.30
CA LEU D 105 4.19 -58.66 -18.54
C LEU D 105 4.49 -58.94 -17.07
N LEU D 106 3.82 -59.95 -16.51
CA LEU D 106 4.07 -60.36 -15.14
C LEU D 106 5.52 -60.82 -14.97
N ASP D 107 5.99 -61.61 -15.94
CA ASP D 107 7.37 -62.09 -15.94
C ASP D 107 8.37 -60.92 -15.97
N ALA D 108 8.06 -59.90 -16.76
CA ALA D 108 8.88 -58.68 -16.86
C ALA D 108 8.87 -57.87 -15.57
N ILE D 109 7.68 -57.75 -14.97
CA ILE D 109 7.54 -57.06 -13.67
C ILE D 109 8.35 -57.79 -12.58
N ASN D 110 8.21 -59.10 -12.52
CA ASN D 110 8.99 -59.92 -11.58
C ASN D 110 10.49 -59.74 -11.78
N SER D 111 10.93 -59.72 -13.04
CA SER D 111 12.34 -59.51 -13.38
C SER D 111 12.85 -58.13 -12.96
N ALA D 112 12.09 -57.09 -13.26
CA ALA D 112 12.50 -55.72 -13.01
C ALA D 112 12.34 -55.28 -11.55
N PHE D 113 11.30 -55.76 -10.88
CA PHE D 113 10.92 -55.24 -9.56
C PHE D 113 10.93 -56.29 -8.44
N GLY D 114 11.11 -57.55 -8.80
CA GLY D 114 11.11 -58.62 -7.80
C GLY D 114 9.77 -59.32 -7.68
N SER D 115 8.70 -58.53 -7.69
CA SER D 115 7.34 -59.05 -7.56
C SER D 115 6.33 -57.98 -7.93
N PHE D 116 5.08 -58.39 -8.16
CA PHE D 116 3.99 -57.44 -8.44
C PHE D 116 3.73 -56.49 -7.25
N ASP D 117 3.77 -57.03 -6.04
CA ASP D 117 3.62 -56.18 -4.85
C ASP D 117 4.72 -55.12 -4.74
N ALA D 118 5.97 -55.49 -5.02
CA ALA D 118 7.10 -54.55 -4.96
C ALA D 118 7.01 -53.48 -6.06
N PHE D 119 6.55 -53.90 -7.24
CA PHE D 119 6.29 -52.94 -8.30
C PHE D 119 5.24 -51.93 -7.84
N LYS D 120 4.17 -52.40 -7.21
CA LYS D 120 3.09 -51.47 -6.78
C LYS D 120 3.60 -50.43 -5.81
N GLN D 121 4.43 -50.86 -4.85
CA GLN D 121 5.07 -49.92 -3.92
C GLN D 121 5.95 -48.90 -4.64
N LYS D 122 6.79 -49.36 -5.57
CA LYS D 122 7.66 -48.47 -6.32
C LYS D 122 6.85 -47.47 -7.15
N PHE D 123 5.80 -47.94 -7.79
CA PHE D 123 4.94 -47.08 -8.61
C PHE D 123 4.26 -46.02 -7.73
N GLU D 124 3.65 -46.46 -6.64
CA GLU D 124 3.00 -45.55 -5.69
C GLU D 124 3.97 -44.51 -5.13
N ASP D 125 5.21 -44.92 -4.87
CA ASP D 125 6.21 -43.99 -4.33
C ASP D 125 6.56 -42.89 -5.33
N ALA D 126 6.72 -43.27 -6.60
CA ALA D 126 6.96 -42.29 -7.65
C ALA D 126 5.79 -41.31 -7.73
N ALA D 127 4.58 -41.84 -7.63
CA ALA D 127 3.37 -41.02 -7.65
C ALA D 127 3.25 -40.11 -6.43
N LYS D 128 3.60 -40.62 -5.25
CA LYS D 128 3.50 -39.84 -4.01
C LYS D 128 4.54 -38.73 -3.93
N THR D 129 5.74 -38.99 -4.46
CA THR D 129 6.81 -38.01 -4.37
C THR D 129 6.79 -36.96 -5.49
N ARG D 130 5.87 -37.10 -6.44
CA ARG D 130 5.71 -36.10 -7.49
C ARG D 130 5.08 -34.85 -6.86
N PHE D 131 5.91 -33.82 -6.65
CA PHE D 131 5.44 -32.61 -6.00
C PHE D 131 4.77 -31.67 -7.00
N GLY D 132 3.58 -31.19 -6.64
CA GLY D 132 2.74 -30.43 -7.57
C GLY D 132 1.98 -31.35 -8.53
N SER D 133 1.76 -30.88 -9.76
CA SER D 133 0.99 -31.61 -10.75
C SER D 133 1.89 -32.54 -11.56
N GLY D 134 1.34 -33.69 -11.94
CA GLY D 134 2.06 -34.56 -12.86
C GLY D 134 1.52 -35.99 -12.93
N TRP D 135 2.40 -36.89 -13.37
CA TRP D 135 2.05 -38.29 -13.69
C TRP D 135 3.14 -39.22 -13.18
N ALA D 136 2.76 -40.44 -12.83
CA ALA D 136 3.73 -41.52 -12.57
C ALA D 136 3.54 -42.56 -13.68
N TRP D 137 4.65 -43.15 -14.13
CA TRP D 137 4.63 -44.01 -15.32
C TRP D 137 5.34 -45.33 -15.09
N LEU D 138 4.84 -46.36 -15.74
CA LEU D 138 5.61 -47.59 -15.96
C LEU D 138 6.07 -47.51 -17.41
N VAL D 139 7.37 -47.58 -17.65
CA VAL D 139 7.92 -47.42 -19.00
C VAL D 139 8.76 -48.61 -19.41
N VAL D 140 8.94 -48.76 -20.72
CA VAL D 140 9.96 -49.66 -21.28
C VAL D 140 11.12 -48.77 -21.73
N LYS D 141 12.30 -49.00 -21.16
CA LYS D 141 13.48 -48.18 -21.42
C LYS D 141 14.74 -49.06 -21.38
N ASP D 142 15.58 -48.92 -22.40
CA ASP D 142 16.81 -49.74 -22.56
C ASP D 142 16.50 -51.24 -22.45
N GLY D 143 15.34 -51.62 -22.98
CA GLY D 143 14.89 -53.01 -22.99
C GLY D 143 14.48 -53.57 -21.64
N LYS D 144 14.18 -52.67 -20.69
CA LYS D 144 13.80 -53.06 -19.33
C LYS D 144 12.61 -52.20 -18.85
N LEU D 145 11.89 -52.70 -17.87
CA LEU D 145 10.83 -51.91 -17.24
C LEU D 145 11.41 -51.01 -16.15
N ASP D 146 10.81 -49.83 -15.99
CA ASP D 146 11.24 -48.90 -14.97
C ASP D 146 10.05 -48.03 -14.59
N VAL D 147 10.14 -47.43 -13.41
CA VAL D 147 9.10 -46.50 -12.95
C VAL D 147 9.69 -45.11 -12.90
N VAL D 148 8.99 -44.15 -13.50
CA VAL D 148 9.41 -42.75 -13.50
C VAL D 148 8.21 -41.82 -13.29
N SER D 149 8.50 -40.55 -12.99
CA SER D 149 7.46 -39.53 -12.96
C SER D 149 7.82 -38.29 -13.80
N THR D 150 6.80 -37.55 -14.21
CA THR D 150 6.95 -36.32 -14.97
C THR D 150 6.15 -35.19 -14.35
N ALA D 151 6.56 -33.95 -14.63
CA ALA D 151 5.84 -32.75 -14.21
C ALA D 151 4.74 -32.40 -15.19
N ASN D 152 3.64 -31.86 -14.66
CA ASN D 152 2.55 -31.29 -15.45
C ASN D 152 1.99 -32.26 -16.51
N GLN D 153 2.07 -31.92 -17.80
CA GLN D 153 1.59 -32.87 -18.82
C GLN D 153 2.74 -33.47 -19.64
N ASP D 154 3.96 -33.38 -19.13
CA ASP D 154 5.11 -34.03 -19.78
C ASP D 154 4.91 -35.55 -19.84
N ASN D 155 5.46 -36.17 -20.88
CA ASN D 155 5.32 -37.60 -21.12
C ASN D 155 6.72 -38.13 -21.40
N PRO D 156 7.07 -39.33 -20.90
CA PRO D 156 8.42 -39.86 -21.15
C PRO D 156 8.79 -40.00 -22.64
N LEU D 157 7.77 -40.03 -23.51
CA LEU D 157 7.98 -40.04 -24.97
C LEU D 157 8.67 -38.78 -25.50
N MET D 158 8.53 -37.69 -24.76
CA MET D 158 9.15 -36.42 -25.10
C MET D 158 10.68 -36.47 -25.02
N GLY D 159 11.18 -37.43 -24.24
CA GLY D 159 12.61 -37.64 -24.09
C GLY D 159 13.20 -36.89 -22.91
N GLU D 160 14.42 -37.29 -22.54
CA GLU D 160 15.11 -36.81 -21.34
C GLU D 160 15.24 -35.29 -21.26
N ALA D 161 15.67 -34.66 -22.36
CA ALA D 161 15.90 -33.21 -22.39
C ALA D 161 14.65 -32.41 -21.99
N ILE D 162 13.49 -32.81 -22.49
CA ILE D 162 12.25 -32.10 -22.17
C ILE D 162 11.59 -32.60 -20.87
N ALA D 163 11.39 -33.92 -20.77
CA ALA D 163 10.61 -34.48 -19.67
C ALA D 163 11.42 -34.88 -18.43
N GLY D 164 12.75 -34.90 -18.54
CA GLY D 164 13.62 -35.31 -17.42
C GLY D 164 13.81 -36.82 -17.32
N VAL D 165 12.93 -37.58 -17.97
CA VAL D 165 12.97 -39.05 -18.00
C VAL D 165 12.57 -39.47 -19.42
N SER D 166 12.77 -40.75 -19.74
CA SER D 166 12.39 -41.24 -21.06
C SER D 166 11.84 -42.67 -21.01
N GLY D 167 11.45 -43.19 -22.17
CA GLY D 167 10.90 -44.55 -22.29
C GLY D 167 9.50 -44.51 -22.87
N THR D 168 8.98 -45.68 -23.23
CA THR D 168 7.61 -45.77 -23.72
C THR D 168 6.68 -46.17 -22.57
N PRO D 169 5.73 -45.29 -22.21
CA PRO D 169 4.80 -45.63 -21.13
C PRO D 169 3.78 -46.68 -21.56
N ILE D 170 3.54 -47.63 -20.67
CA ILE D 170 2.51 -48.65 -20.89
C ILE D 170 1.42 -48.58 -19.83
N LEU D 171 1.70 -47.82 -18.76
CA LEU D 171 0.73 -47.52 -17.73
C LEU D 171 1.10 -46.18 -17.11
N GLY D 172 0.10 -45.36 -16.84
CA GLY D 172 0.32 -44.15 -16.04
C GLY D 172 -0.84 -43.82 -15.15
N VAL D 173 -0.57 -43.06 -14.09
CA VAL D 173 -1.63 -42.55 -13.23
C VAL D 173 -1.50 -41.03 -13.15
N ASP D 174 -2.64 -40.36 -13.24
CA ASP D 174 -2.72 -38.91 -13.19
C ASP D 174 -2.70 -38.49 -11.72
N VAL D 175 -1.69 -37.70 -11.32
CA VAL D 175 -1.71 -37.16 -9.95
C VAL D 175 -1.96 -35.65 -9.84
N TRP D 176 -2.46 -35.06 -10.92
CA TRP D 176 -3.05 -33.71 -10.81
C TRP D 176 -4.17 -33.80 -9.78
N GLU D 177 -4.31 -32.78 -8.94
CA GLU D 177 -5.37 -32.78 -7.94
C GLU D 177 -6.78 -32.93 -8.54
N HIS D 178 -6.99 -32.49 -9.79
CA HIS D 178 -8.31 -32.67 -10.42
C HIS D 178 -8.71 -34.13 -10.60
N ALA D 179 -7.72 -35.02 -10.67
CA ALA D 179 -7.98 -36.45 -10.83
C ALA D 179 -8.53 -37.11 -9.56
N TYR D 180 -8.35 -36.47 -8.40
CA TYR D 180 -8.72 -37.13 -7.15
C TYR D 180 -9.36 -36.27 -6.07
N TYR D 181 -9.41 -34.96 -6.28
CA TYR D 181 -9.80 -34.08 -5.17
C TYR D 181 -11.26 -34.23 -4.70
N LEU D 182 -12.19 -34.39 -5.63
CA LEU D 182 -13.59 -34.51 -5.22
C LEU D 182 -13.86 -35.72 -4.32
N ASN D 183 -13.22 -36.85 -4.63
CA ASN D 183 -13.40 -38.11 -3.91
C ASN D 183 -12.45 -38.25 -2.71
N TYR D 184 -11.21 -37.79 -2.87
CA TYR D 184 -10.14 -38.05 -1.87
C TYR D 184 -9.56 -36.81 -1.18
N GLN D 185 -9.89 -35.64 -1.70
CA GLN D 185 -9.30 -34.38 -1.21
C GLN D 185 -7.77 -34.49 -1.10
N ASN D 186 -7.19 -34.17 0.05
CA ASN D 186 -5.74 -34.26 0.24
C ASN D 186 -5.17 -35.69 0.23
N ARG D 187 -6.04 -36.71 0.27
CA ARG D 187 -5.57 -38.09 0.44
C ARG D 187 -5.08 -38.81 -0.82
N ARG D 188 -4.02 -38.27 -1.43
CA ARG D 188 -3.45 -38.90 -2.63
C ARG D 188 -3.12 -40.40 -2.43
N PRO D 189 -2.53 -40.80 -1.26
CA PRO D 189 -2.24 -42.23 -1.11
C PRO D 189 -3.49 -43.13 -1.17
N ASP D 190 -4.63 -42.63 -0.72
CA ASP D 190 -5.90 -43.39 -0.80
C ASP D 190 -6.35 -43.54 -2.27
N TYR D 191 -6.18 -42.47 -3.04
CA TYR D 191 -6.48 -42.49 -4.47
C TYR D 191 -5.61 -43.53 -5.16
N LEU D 192 -4.31 -43.53 -4.83
CA LEU D 192 -3.36 -44.46 -5.46
C LEU D 192 -3.62 -45.93 -5.08
N ALA D 193 -4.00 -46.18 -3.83
CA ALA D 193 -4.40 -47.52 -3.42
C ALA D 193 -5.62 -47.99 -4.23
N ALA D 194 -6.61 -47.11 -4.36
CA ALA D 194 -7.85 -47.43 -5.08
C ALA D 194 -7.61 -47.66 -6.57
N PHE D 195 -6.65 -46.92 -7.13
CA PHE D 195 -6.31 -47.03 -8.55
C PHE D 195 -6.05 -48.46 -9.02
N TRP D 196 -5.36 -49.25 -8.21
CA TRP D 196 -5.07 -50.65 -8.58
C TRP D 196 -6.32 -51.47 -8.89
N ASN D 197 -7.45 -51.10 -8.27
CA ASN D 197 -8.72 -51.79 -8.50
C ASN D 197 -9.31 -51.56 -9.89
N VAL D 198 -8.85 -50.51 -10.57
CA VAL D 198 -9.39 -50.20 -11.90
C VAL D 198 -8.41 -50.35 -13.08
N VAL D 199 -7.18 -50.78 -12.82
CA VAL D 199 -6.21 -50.98 -13.92
C VAL D 199 -6.66 -52.14 -14.82
N ASN D 200 -6.63 -51.89 -16.14
CA ASN D 200 -6.92 -52.91 -17.12
C ASN D 200 -5.60 -53.53 -17.56
N TRP D 201 -5.22 -54.64 -16.91
CA TRP D 201 -3.94 -55.28 -17.19
C TRP D 201 -3.85 -55.90 -18.58
N ASP D 202 -5.00 -56.24 -19.18
CA ASP D 202 -5.09 -56.68 -20.57
C ASP D 202 -4.54 -55.61 -21.50
N GLU D 203 -4.97 -54.36 -21.29
CA GLU D 203 -4.53 -53.25 -22.12
C GLU D 203 -3.06 -52.93 -21.87
N VAL D 204 -2.66 -52.94 -20.60
CA VAL D 204 -1.25 -52.74 -20.26
C VAL D 204 -0.36 -53.81 -20.94
N SER D 205 -0.82 -55.06 -20.95
CA SER D 205 -0.08 -56.16 -21.60
C SER D 205 0.04 -55.98 -23.12
N LYS D 206 -1.05 -55.53 -23.75
CA LYS D 206 -1.08 -55.19 -25.18
C LYS D 206 -0.05 -54.08 -25.48
N ARG D 207 -0.05 -53.05 -24.64
CA ARG D 207 0.91 -51.96 -24.76
C ARG D 207 2.37 -52.39 -24.57
N TYR D 208 2.63 -53.25 -23.58
CA TYR D 208 3.96 -53.83 -23.38
C TYR D 208 4.43 -54.61 -24.63
N ALA D 209 3.58 -55.48 -25.15
CA ALA D 209 3.87 -56.25 -26.35
C ALA D 209 4.22 -55.35 -27.54
N ALA D 210 3.45 -54.27 -27.72
CA ALA D 210 3.70 -53.30 -28.77
C ALA D 210 5.02 -52.55 -28.56
N ALA D 211 5.28 -52.15 -27.31
CA ALA D 211 6.47 -51.37 -26.96
C ALA D 211 7.77 -52.10 -27.30
N LYS D 212 7.79 -53.41 -27.09
CA LYS D 212 8.97 -54.23 -27.37
C LYS D 212 9.29 -54.32 -28.87
N LEU D 213 8.35 -53.91 -29.70
CA LEU D 213 8.48 -54.04 -31.16
C LEU D 213 8.87 -52.76 -31.88
N VAL D 214 8.98 -51.66 -31.13
CA VAL D 214 9.28 -50.36 -31.72
C VAL D 214 10.79 -50.22 -31.97
N PRO D 215 11.19 -49.93 -33.23
CA PRO D 215 12.60 -49.83 -33.58
C PRO D 215 13.28 -48.61 -32.96
N ARG D 216 14.58 -48.76 -32.64
CA ARG D 216 15.47 -47.75 -32.02
C ARG D 216 16.03 -48.23 -30.68
FE FE E . -5.25 37.23 14.90
FE FE F . -3.66 19.88 8.98
FE FE G . -2.55 -24.34 -1.15
FE FE H . -5.86 -35.03 -15.68
#